data_8W2V
#
_entry.id   8W2V
#
_entity_poly.entity_id   1
_entity_poly.type   'polypeptide(L)'
_entity_poly.pdbx_seq_one_letter_code
;IEVMYPPPYLDNEKSNGTIIHVKGKHLCPSPLFPGPSKP
;
_entity_poly.pdbx_strand_id   A
#
# COMPACT_ATOMS: atom_id res chain seq x y z
N ILE A 1 -11.33 -0.62 -0.29
CA ILE A 1 -11.54 -0.32 -1.73
C ILE A 1 -12.91 0.31 -1.97
N GLU A 2 -12.90 1.58 -2.36
CA GLU A 2 -14.13 2.31 -2.63
C GLU A 2 -14.90 1.69 -3.79
N VAL A 3 -14.18 1.33 -4.85
CA VAL A 3 -14.80 0.73 -6.02
C VAL A 3 -14.04 -0.52 -6.47
N MET A 4 -14.69 -1.35 -7.27
CA MET A 4 -14.07 -2.57 -7.78
C MET A 4 -14.11 -2.65 -9.30
N TYR A 5 -14.78 -1.70 -9.95
CA TYR A 5 -14.87 -1.71 -11.41
C TYR A 5 -13.62 -1.16 -12.10
N PRO A 6 -13.23 0.08 -11.79
CA PRO A 6 -12.05 0.70 -12.39
C PRO A 6 -10.75 0.16 -11.79
N PRO A 7 -9.61 0.36 -12.47
CA PRO A 7 -8.31 -0.12 -11.99
C PRO A 7 -8.01 0.42 -10.58
N PRO A 8 -7.38 -0.39 -9.71
CA PRO A 8 -7.04 0.01 -8.34
C PRO A 8 -5.87 0.99 -8.32
N TYR A 9 -5.87 1.88 -7.35
CA TYR A 9 -4.79 2.83 -7.22
C TYR A 9 -4.87 3.61 -5.92
N LEU A 10 -3.89 3.39 -5.04
CA LEU A 10 -3.84 4.07 -3.75
C LEU A 10 -2.39 4.25 -3.31
N ASP A 11 -1.82 5.38 -3.68
CA ASP A 11 -0.43 5.68 -3.31
C ASP A 11 -0.27 5.72 -1.80
N ASN A 12 -1.27 6.27 -1.12
CA ASN A 12 -1.24 6.37 0.33
C ASN A 12 -1.44 5.01 1.00
N GLU A 13 -1.75 4.00 0.20
CA GLU A 13 -1.95 2.66 0.73
C GLU A 13 -0.69 2.12 1.41
N LYS A 14 0.46 2.41 0.82
CA LYS A 14 1.73 1.94 1.39
C LYS A 14 1.93 2.49 2.80
N SER A 15 1.36 3.65 3.08
CA SER A 15 1.49 4.26 4.40
C SER A 15 0.86 3.38 5.47
N ASN A 16 -0.29 2.78 5.13
CA ASN A 16 -0.99 1.91 6.05
C ASN A 16 -1.38 2.66 7.33
N GLY A 17 -0.56 2.53 8.38
CA GLY A 17 -0.87 3.21 9.63
C GLY A 17 -1.69 2.36 10.58
N THR A 18 -2.19 1.24 10.09
CA THR A 18 -2.99 0.34 10.92
C THR A 18 -2.17 -0.19 12.08
N ILE A 19 -0.85 -0.25 11.91
CA ILE A 19 0.04 -0.74 12.94
C ILE A 19 -0.07 0.12 14.20
N ILE A 20 -0.10 1.44 13.99
CA ILE A 20 -0.20 2.38 15.09
C ILE A 20 1.03 2.31 15.98
N HIS A 21 1.45 3.46 16.50
CA HIS A 21 2.62 3.53 17.36
C HIS A 21 2.35 4.44 18.57
N VAL A 22 3.14 4.26 19.61
CA VAL A 22 3.01 5.06 20.82
C VAL A 22 2.90 6.55 20.50
N LYS A 23 2.10 7.25 21.29
CA LYS A 23 1.90 8.68 21.10
C LYS A 23 3.16 9.46 21.46
N GLY A 24 3.43 10.53 20.72
CA GLY A 24 4.60 11.35 20.97
C GLY A 24 4.59 11.96 22.36
N LYS A 25 3.43 12.41 22.79
CA LYS A 25 3.28 13.03 24.11
C LYS A 25 2.19 12.33 24.92
N HIS A 26 2.38 12.27 26.24
CA HIS A 26 1.40 11.65 27.12
C HIS A 26 0.07 12.37 27.08
N LEU A 27 0.14 13.71 27.03
CA LEU A 27 -1.07 14.53 26.99
C LEU A 27 -2.01 14.16 28.12
N CYS A 28 -1.45 13.72 29.24
CA CYS A 28 -2.25 13.33 30.40
C CYS A 28 -2.85 14.56 31.08
N PRO A 29 -3.90 14.36 31.90
CA PRO A 29 -4.57 15.46 32.60
C PRO A 29 -3.59 16.24 33.50
N SER A 30 -3.78 17.56 33.56
CA SER A 30 -2.92 18.41 34.37
C SER A 30 -3.01 18.01 35.84
N PRO A 31 -1.88 18.02 36.59
CA PRO A 31 -1.88 17.65 38.02
C PRO A 31 -2.70 18.61 38.86
N LEU A 32 -2.76 19.87 38.43
CA LEU A 32 -3.51 20.88 39.15
C LEU A 32 -4.15 21.87 38.17
N PHE A 33 -5.23 21.43 37.53
CA PHE A 33 -5.94 22.25 36.56
C PHE A 33 -5.02 22.59 35.37
N PRO A 34 -5.60 22.83 34.19
CA PRO A 34 -4.83 23.16 32.99
C PRO A 34 -3.98 24.41 33.16
N GLY A 35 -2.76 24.33 32.67
CA GLY A 35 -1.84 25.44 32.76
C GLY A 35 -2.32 26.69 32.03
N PRO A 36 -2.84 26.57 30.80
CA PRO A 36 -3.32 27.73 30.03
C PRO A 36 -4.43 28.49 30.77
N SER A 37 -4.41 29.81 30.66
CA SER A 37 -5.40 30.65 31.32
C SER A 37 -5.65 31.92 30.51
N LYS A 38 -6.90 32.36 30.49
CA LYS A 38 -7.28 33.57 29.76
C LYS A 38 -8.13 34.48 30.63
N PRO A 39 -8.14 35.80 30.34
CA PRO A 39 -8.91 36.78 31.10
C PRO A 39 -10.36 36.33 31.31
N ILE A 1 -27.21 1.53 -3.14
CA ILE A 1 -26.55 0.59 -2.20
C ILE A 1 -25.57 -0.35 -2.90
N GLU A 2 -25.49 -0.23 -4.21
CA GLU A 2 -24.59 -1.07 -5.01
C GLU A 2 -23.71 -0.23 -5.92
N VAL A 3 -22.49 -0.69 -6.13
CA VAL A 3 -21.54 0.03 -6.98
C VAL A 3 -20.76 -0.93 -7.89
N MET A 4 -20.64 -0.56 -9.15
CA MET A 4 -19.93 -1.39 -10.13
C MET A 4 -18.73 -0.64 -10.72
N TYR A 5 -18.28 0.41 -10.03
CA TYR A 5 -17.14 1.19 -10.49
C TYR A 5 -15.90 0.89 -9.65
N PRO A 6 -14.70 0.97 -10.25
CA PRO A 6 -13.45 0.70 -9.53
C PRO A 6 -13.09 1.82 -8.56
N PRO A 7 -12.30 1.52 -7.52
CA PRO A 7 -11.88 2.51 -6.53
C PRO A 7 -10.85 3.49 -7.08
N PRO A 8 -10.73 4.69 -6.49
CA PRO A 8 -9.78 5.71 -6.94
C PRO A 8 -8.34 5.35 -6.59
N TYR A 9 -7.41 5.99 -7.29
CA TYR A 9 -5.99 5.74 -7.05
C TYR A 9 -5.63 6.18 -5.64
N LEU A 10 -4.86 5.36 -4.95
CA LEU A 10 -4.45 5.67 -3.59
C LEU A 10 -3.02 5.22 -3.33
N ASP A 11 -2.09 6.11 -3.64
CA ASP A 11 -0.66 5.83 -3.45
C ASP A 11 -0.32 5.80 -1.95
N ASN A 12 -1.24 6.28 -1.11
CA ASN A 12 -1.02 6.29 0.33
C ASN A 12 -1.28 4.91 0.94
N GLU A 13 -1.63 3.94 0.11
CA GLU A 13 -1.89 2.58 0.59
C GLU A 13 -0.72 2.05 1.40
N LYS A 14 0.49 2.38 0.97
CA LYS A 14 1.69 1.94 1.66
C LYS A 14 1.71 2.48 3.08
N SER A 15 1.05 3.62 3.29
CA SER A 15 0.98 4.26 4.60
C SER A 15 -0.35 3.96 5.29
N ASN A 16 -1.09 2.99 4.75
CA ASN A 16 -2.39 2.61 5.31
C ASN A 16 -3.39 3.75 5.20
N GLY A 17 -3.11 4.71 4.33
CA GLY A 17 -4.00 5.84 4.15
C GLY A 17 -4.01 6.78 5.33
N THR A 18 -2.95 6.74 6.13
CA THR A 18 -2.81 7.59 7.32
C THR A 18 -3.68 7.10 8.48
N ILE A 19 -4.97 6.93 8.21
CA ILE A 19 -5.93 6.47 9.22
C ILE A 19 -5.37 5.27 9.98
N ILE A 20 -5.42 5.37 11.29
CA ILE A 20 -4.93 4.32 12.17
C ILE A 20 -5.75 3.04 12.01
N HIS A 21 -7.05 3.20 11.87
CA HIS A 21 -7.96 2.06 11.71
C HIS A 21 -7.52 1.20 10.53
N VAL A 22 -7.56 -0.11 10.73
CA VAL A 22 -7.16 -1.05 9.69
C VAL A 22 -7.83 -0.74 8.36
N LYS A 23 -7.03 -0.74 7.30
CA LYS A 23 -7.52 -0.45 5.96
C LYS A 23 -8.49 -1.53 5.50
N GLY A 24 -9.15 -1.28 4.37
CA GLY A 24 -10.10 -2.24 3.83
C GLY A 24 -9.47 -3.30 2.96
N LYS A 25 -8.15 -3.24 2.81
CA LYS A 25 -7.41 -4.20 1.99
C LYS A 25 -7.69 -3.96 0.51
N HIS A 26 -7.02 -4.74 -0.34
CA HIS A 26 -7.18 -4.61 -1.78
C HIS A 26 -8.31 -5.49 -2.30
N LEU A 27 -9.54 -5.13 -1.97
CA LEU A 27 -10.71 -5.89 -2.40
C LEU A 27 -11.55 -5.06 -3.38
N CYS A 28 -11.71 -5.55 -4.60
CA CYS A 28 -12.48 -4.85 -5.62
C CYS A 28 -13.45 -5.79 -6.32
N PRO A 29 -14.57 -5.25 -6.83
CA PRO A 29 -15.58 -6.05 -7.54
C PRO A 29 -15.10 -6.50 -8.91
N SER A 30 -15.72 -7.56 -9.43
CA SER A 30 -15.35 -8.11 -10.74
C SER A 30 -14.02 -8.84 -10.68
N PRO A 31 -13.82 -9.84 -11.57
CA PRO A 31 -12.59 -10.61 -11.59
C PRO A 31 -11.48 -9.83 -12.31
N LEU A 32 -11.46 -9.91 -13.64
CA LEU A 32 -10.46 -9.21 -14.41
C LEU A 32 -11.02 -8.71 -15.74
N PHE A 33 -10.88 -7.41 -15.99
CA PHE A 33 -11.37 -6.81 -17.23
C PHE A 33 -12.85 -7.08 -17.44
N PRO A 34 -13.71 -6.39 -16.68
CA PRO A 34 -15.17 -6.54 -16.78
C PRO A 34 -15.69 -6.17 -18.16
N GLY A 35 -16.75 -6.85 -18.57
CA GLY A 35 -17.34 -6.59 -19.87
C GLY A 35 -17.86 -5.17 -20.03
N PRO A 36 -18.58 -4.61 -19.03
CA PRO A 36 -19.11 -3.25 -19.12
C PRO A 36 -18.01 -2.21 -19.33
N SER A 37 -18.29 -1.22 -20.17
CA SER A 37 -17.32 -0.17 -20.46
C SER A 37 -17.16 0.77 -19.27
N LYS A 38 -15.94 1.26 -19.08
CA LYS A 38 -15.65 2.17 -17.98
C LYS A 38 -16.26 3.55 -18.24
N PRO A 39 -16.58 4.30 -17.16
CA PRO A 39 -17.18 5.64 -17.29
C PRO A 39 -16.22 6.64 -17.91
N ILE A 1 -24.48 3.54 -14.16
CA ILE A 1 -23.53 3.55 -13.02
C ILE A 1 -22.47 2.45 -13.17
N GLU A 2 -21.37 2.60 -12.44
CA GLU A 2 -20.29 1.62 -12.50
C GLU A 2 -19.52 1.58 -11.18
N VAL A 3 -18.80 0.48 -10.95
CA VAL A 3 -18.01 0.33 -9.73
C VAL A 3 -18.88 0.49 -8.49
N MET A 4 -19.26 -0.63 -7.88
CA MET A 4 -20.08 -0.61 -6.68
C MET A 4 -19.22 -0.77 -5.42
N TYR A 5 -17.92 -0.59 -5.56
CA TYR A 5 -17.01 -0.72 -4.43
C TYR A 5 -16.08 0.49 -4.33
N PRO A 6 -15.47 0.71 -3.16
CA PRO A 6 -14.55 1.84 -2.93
C PRO A 6 -13.38 1.83 -3.92
N PRO A 7 -12.83 3.02 -4.27
CA PRO A 7 -11.69 3.10 -5.21
C PRO A 7 -10.50 2.29 -4.74
N PRO A 8 -9.70 1.74 -5.67
CA PRO A 8 -8.52 0.92 -5.34
C PRO A 8 -7.37 1.75 -4.81
N TYR A 9 -6.36 1.08 -4.30
CA TYR A 9 -5.19 1.74 -3.77
C TYR A 9 -4.64 2.73 -4.79
N LEU A 10 -4.18 3.86 -4.30
CA LEU A 10 -3.61 4.90 -5.16
C LEU A 10 -2.12 5.05 -4.89
N ASP A 11 -1.78 5.46 -3.68
CA ASP A 11 -0.39 5.64 -3.28
C ASP A 11 -0.26 5.71 -1.77
N ASN A 12 -1.27 6.27 -1.12
CA ASN A 12 -1.28 6.39 0.33
C ASN A 12 -1.44 5.02 0.99
N GLU A 13 -1.78 4.00 0.21
CA GLU A 13 -1.97 2.67 0.75
C GLU A 13 -0.69 2.14 1.41
N LYS A 14 0.46 2.42 0.79
CA LYS A 14 1.74 1.95 1.34
C LYS A 14 1.97 2.51 2.74
N SER A 15 1.41 3.69 3.01
CA SER A 15 1.58 4.32 4.32
C SER A 15 0.96 3.46 5.41
N ASN A 16 -0.20 2.88 5.11
CA ASN A 16 -0.90 2.03 6.06
C ASN A 16 -0.33 0.61 6.06
N GLY A 17 0.24 0.22 7.20
CA GLY A 17 0.82 -1.10 7.31
C GLY A 17 2.19 -1.20 6.66
N THR A 18 2.84 -0.05 6.48
CA THR A 18 4.16 -0.01 5.87
C THR A 18 5.18 -0.83 6.65
N ILE A 19 4.84 -1.16 7.91
CA ILE A 19 5.74 -1.93 8.74
C ILE A 19 5.95 -3.33 8.15
N ILE A 20 7.19 -3.63 7.83
CA ILE A 20 7.54 -4.92 7.25
C ILE A 20 8.70 -5.58 8.00
N HIS A 21 8.54 -6.87 8.30
CA HIS A 21 9.57 -7.61 9.01
C HIS A 21 10.89 -7.63 8.24
N VAL A 22 10.81 -7.90 6.94
CA VAL A 22 12.00 -7.94 6.10
C VAL A 22 11.95 -6.87 5.01
N LYS A 23 12.98 -6.03 4.96
CA LYS A 23 13.06 -4.98 3.97
C LYS A 23 13.30 -5.55 2.58
N GLY A 24 12.64 -4.96 1.58
CA GLY A 24 12.80 -5.42 0.22
C GLY A 24 14.22 -5.29 -0.28
N LYS A 25 14.87 -4.19 0.07
CA LYS A 25 16.25 -3.94 -0.34
C LYS A 25 16.36 -3.95 -1.86
N HIS A 26 17.59 -3.78 -2.35
CA HIS A 26 17.85 -3.76 -3.77
C HIS A 26 17.04 -2.66 -4.46
N LEU A 27 17.00 -1.48 -3.85
CA LEU A 27 16.26 -0.36 -4.40
C LEU A 27 17.21 0.67 -5.01
N CYS A 28 16.91 1.08 -6.25
CA CYS A 28 17.74 2.06 -6.95
C CYS A 28 16.90 3.21 -7.49
N PRO A 29 16.52 4.16 -6.62
CA PRO A 29 15.71 5.32 -7.00
C PRO A 29 16.38 6.16 -8.09
N SER A 30 15.57 6.71 -8.99
CA SER A 30 16.07 7.53 -10.09
C SER A 30 16.99 6.72 -10.99
N PRO A 31 17.17 7.17 -12.24
CA PRO A 31 18.03 6.48 -13.22
C PRO A 31 19.49 6.49 -12.81
N LEU A 32 19.87 7.52 -12.05
CA LEU A 32 21.25 7.66 -11.59
C LEU A 32 21.27 8.27 -10.20
N PHE A 33 20.85 7.48 -9.21
CA PHE A 33 20.83 7.93 -7.82
C PHE A 33 19.82 9.08 -7.66
N PRO A 34 19.04 9.11 -6.56
CA PRO A 34 18.04 10.16 -6.33
C PRO A 34 18.65 11.54 -6.28
N GLY A 35 17.97 12.46 -6.95
CA GLY A 35 18.43 13.84 -6.99
C GLY A 35 18.00 14.63 -5.76
N PRO A 36 18.46 15.88 -5.64
CA PRO A 36 18.12 16.74 -4.50
C PRO A 36 16.62 16.94 -4.36
N SER A 37 16.14 16.98 -3.12
CA SER A 37 14.72 17.16 -2.85
C SER A 37 14.23 18.51 -3.39
N LYS A 38 15.07 19.54 -3.22
CA LYS A 38 14.72 20.87 -3.69
C LYS A 38 14.81 20.95 -5.21
N PRO A 39 14.04 21.87 -5.83
CA PRO A 39 14.04 22.05 -7.29
C PRO A 39 15.45 22.11 -7.86
N ILE A 1 -19.71 -9.85 -7.27
CA ILE A 1 -18.67 -9.03 -6.59
C ILE A 1 -19.20 -7.66 -6.19
N GLU A 2 -18.54 -7.03 -5.23
CA GLU A 2 -18.95 -5.71 -4.76
C GLU A 2 -18.86 -4.68 -5.88
N VAL A 3 -17.81 -4.78 -6.70
CA VAL A 3 -17.61 -3.86 -7.80
C VAL A 3 -17.05 -4.58 -9.02
N MET A 4 -17.56 -4.21 -10.20
CA MET A 4 -17.12 -4.84 -11.45
C MET A 4 -15.66 -4.56 -11.74
N TYR A 5 -15.21 -3.34 -11.44
CA TYR A 5 -13.83 -2.94 -11.67
C TYR A 5 -13.03 -2.91 -10.36
N PRO A 6 -11.70 -3.08 -10.44
CA PRO A 6 -10.83 -3.08 -9.27
C PRO A 6 -10.67 -1.68 -8.67
N PRO A 7 -10.28 -1.58 -7.39
CA PRO A 7 -10.10 -0.29 -6.71
C PRO A 7 -9.08 0.60 -7.44
N PRO A 8 -9.25 1.93 -7.39
CA PRO A 8 -8.33 2.88 -8.04
C PRO A 8 -6.97 2.95 -7.36
N TYR A 9 -6.00 3.49 -8.07
CA TYR A 9 -4.66 3.63 -7.53
C TYR A 9 -4.70 4.39 -6.20
N LEU A 10 -4.00 3.85 -5.22
CA LEU A 10 -3.93 4.46 -3.90
C LEU A 10 -2.51 4.43 -3.38
N ASP A 11 -1.78 5.49 -3.69
CA ASP A 11 -0.39 5.63 -3.28
C ASP A 11 -0.26 5.62 -1.76
N ASN A 12 -1.22 6.25 -1.08
CA ASN A 12 -1.20 6.32 0.37
C ASN A 12 -1.42 4.97 1.02
N GLU A 13 -1.78 3.98 0.22
CA GLU A 13 -2.00 2.64 0.73
C GLU A 13 -0.73 2.13 1.39
N LYS A 14 0.41 2.48 0.79
CA LYS A 14 1.70 2.06 1.31
C LYS A 14 1.73 0.54 1.43
N SER A 15 1.01 -0.09 0.53
CA SER A 15 0.93 -1.55 0.50
C SER A 15 0.52 -2.11 1.86
N ASN A 16 -0.42 -1.43 2.52
CA ASN A 16 -0.89 -1.86 3.83
C ASN A 16 0.26 -1.89 4.85
N GLY A 17 0.93 -3.03 4.95
CA GLY A 17 2.04 -3.16 5.88
C GLY A 17 1.64 -3.86 7.16
N THR A 18 0.35 -3.89 7.44
CA THR A 18 -0.17 -4.53 8.63
C THR A 18 -1.66 -4.78 8.51
N ILE A 19 -2.37 -3.75 8.05
CA ILE A 19 -3.81 -3.84 7.87
C ILE A 19 -4.13 -4.55 6.57
N ILE A 20 -4.71 -5.74 6.69
CA ILE A 20 -5.06 -6.53 5.53
C ILE A 20 -6.25 -5.93 4.78
N HIS A 21 -7.25 -5.48 5.54
CA HIS A 21 -8.44 -4.88 4.95
C HIS A 21 -8.74 -3.53 5.59
N VAL A 22 -9.23 -2.59 4.77
CA VAL A 22 -9.55 -1.26 5.26
C VAL A 22 -10.79 -1.26 6.13
N LYS A 23 -10.71 -0.55 7.24
CA LYS A 23 -11.81 -0.44 8.17
C LYS A 23 -13.09 0.00 7.46
N GLY A 24 -14.19 -0.70 7.74
CA GLY A 24 -15.45 -0.37 7.12
C GLY A 24 -16.62 -1.14 7.70
N LYS A 25 -17.81 -0.90 7.18
CA LYS A 25 -19.01 -1.59 7.64
C LYS A 25 -18.90 -3.09 7.43
N HIS A 26 -18.35 -3.48 6.29
CA HIS A 26 -18.19 -4.90 5.97
C HIS A 26 -16.76 -5.38 6.23
N LEU A 27 -16.62 -6.29 7.18
CA LEU A 27 -15.32 -6.83 7.53
C LEU A 27 -15.26 -8.33 7.22
N CYS A 28 -14.09 -8.79 6.77
CA CYS A 28 -13.91 -10.20 6.43
C CYS A 28 -12.67 -10.76 7.12
N PRO A 29 -12.78 -11.09 8.42
CA PRO A 29 -11.66 -11.65 9.19
C PRO A 29 -11.14 -12.96 8.60
N SER A 30 -9.83 -13.17 8.69
CA SER A 30 -9.21 -14.37 8.17
C SER A 30 -9.58 -15.58 9.02
N PRO A 31 -9.55 -16.80 8.43
CA PRO A 31 -9.89 -18.03 9.16
C PRO A 31 -9.05 -18.20 10.41
N LEU A 32 -7.77 -17.86 10.30
CA LEU A 32 -6.83 -17.96 11.41
C LEU A 32 -5.89 -16.77 11.39
N PHE A 33 -6.37 -15.64 11.89
CA PHE A 33 -5.57 -14.41 11.94
C PHE A 33 -5.21 -13.96 10.53
N PRO A 34 -4.94 -12.67 10.35
CA PRO A 34 -4.58 -12.11 9.04
C PRO A 34 -3.36 -12.77 8.44
N GLY A 35 -3.46 -13.12 7.16
CA GLY A 35 -2.38 -13.76 6.46
C GLY A 35 -1.34 -12.77 5.97
N PRO A 36 -0.23 -13.26 5.39
CA PRO A 36 0.84 -12.41 4.88
C PRO A 36 0.42 -11.65 3.63
N SER A 37 1.05 -10.50 3.42
CA SER A 37 0.75 -9.66 2.26
C SER A 37 1.25 -10.31 0.98
N LYS A 38 0.71 -9.87 -0.15
CA LYS A 38 1.09 -10.42 -1.45
C LYS A 38 1.41 -9.29 -2.43
N PRO A 39 2.54 -8.60 -2.23
CA PRO A 39 2.97 -7.50 -3.10
C PRO A 39 2.88 -7.86 -4.57
N ILE A 1 -11.90 7.00 -24.02
CA ILE A 1 -10.64 7.57 -24.54
C ILE A 1 -9.54 6.52 -24.62
N GLU A 2 -8.49 6.80 -25.39
CA GLU A 2 -7.38 5.89 -25.54
C GLU A 2 -6.64 5.68 -24.21
N VAL A 3 -6.50 6.76 -23.45
CA VAL A 3 -5.81 6.70 -22.16
C VAL A 3 -4.40 6.15 -22.32
N MET A 4 -3.53 6.93 -22.95
CA MET A 4 -2.15 6.51 -23.16
C MET A 4 -1.42 6.32 -21.83
N TYR A 5 -1.69 7.22 -20.90
CA TYR A 5 -1.07 7.18 -19.58
C TYR A 5 -1.56 5.97 -18.78
N PRO A 6 -0.76 5.50 -17.82
CA PRO A 6 -1.13 4.34 -16.99
C PRO A 6 -2.22 4.68 -15.97
N PRO A 7 -2.89 3.65 -15.42
CA PRO A 7 -3.96 3.85 -14.43
C PRO A 7 -3.48 4.64 -13.20
N PRO A 8 -4.36 5.41 -12.56
CA PRO A 8 -4.01 6.20 -11.38
C PRO A 8 -3.92 5.35 -10.14
N TYR A 9 -3.26 5.86 -9.11
CA TYR A 9 -3.11 5.12 -7.87
C TYR A 9 -3.05 6.06 -6.66
N LEU A 10 -3.72 5.68 -5.59
CA LEU A 10 -3.76 6.47 -4.37
C LEU A 10 -2.37 6.68 -3.78
N ASP A 11 -1.53 5.65 -3.83
CA ASP A 11 -0.17 5.71 -3.31
C ASP A 11 -0.14 6.05 -1.81
N ASN A 12 -1.30 6.00 -1.16
CA ASN A 12 -1.40 6.30 0.25
C ASN A 12 -1.49 5.01 1.07
N GLU A 13 -1.90 3.93 0.40
CA GLU A 13 -2.03 2.64 1.06
C GLU A 13 -0.68 2.15 1.56
N LYS A 14 0.35 2.40 0.77
CA LYS A 14 1.70 2.00 1.12
C LYS A 14 2.14 2.66 2.43
N SER A 15 1.45 3.73 2.83
CA SER A 15 1.78 4.43 4.06
C SER A 15 1.58 3.54 5.28
N ASN A 16 0.74 2.52 5.12
CA ASN A 16 0.45 1.59 6.21
C ASN A 16 1.58 0.57 6.36
N GLY A 17 2.26 0.59 7.50
CA GLY A 17 3.34 -0.33 7.74
C GLY A 17 4.63 0.07 7.07
N THR A 18 4.73 1.36 6.72
CA THR A 18 5.92 1.88 6.06
C THR A 18 7.16 1.70 6.94
N ILE A 19 7.02 2.05 8.20
CA ILE A 19 8.12 1.94 9.16
C ILE A 19 8.21 0.54 9.75
N ILE A 20 9.40 -0.04 9.71
CA ILE A 20 9.63 -1.37 10.23
C ILE A 20 10.76 -1.36 11.26
N HIS A 21 10.76 -2.36 12.13
CA HIS A 21 11.79 -2.47 13.17
C HIS A 21 13.12 -2.91 12.56
N VAL A 22 14.19 -2.71 13.31
CA VAL A 22 15.53 -3.08 12.86
C VAL A 22 16.21 -4.00 13.87
N LYS A 23 16.71 -5.13 13.38
CA LYS A 23 17.39 -6.10 14.23
C LYS A 23 16.53 -6.48 15.44
N GLY A 24 15.24 -6.70 15.18
CA GLY A 24 14.34 -7.06 16.27
C GLY A 24 14.73 -8.37 16.93
N LYS A 25 15.16 -9.33 16.13
CA LYS A 25 15.56 -10.64 16.65
C LYS A 25 16.68 -11.24 15.79
N HIS A 26 17.46 -12.13 16.40
CA HIS A 26 18.57 -12.77 15.69
C HIS A 26 18.34 -14.27 15.54
N LEU A 27 17.43 -14.83 16.35
CA LEU A 27 17.13 -16.26 16.30
C LEU A 27 15.74 -16.49 15.72
N CYS A 28 15.65 -17.41 14.77
CA CYS A 28 14.38 -17.73 14.13
C CYS A 28 14.16 -19.24 14.09
N PRO A 29 13.75 -19.84 15.23
CA PRO A 29 13.50 -21.28 15.32
C PRO A 29 12.25 -21.70 14.58
N SER A 30 12.22 -22.95 14.11
CA SER A 30 11.08 -23.48 13.38
C SER A 30 9.95 -23.87 14.34
N PRO A 31 8.72 -23.34 14.17
CA PRO A 31 7.62 -23.67 15.05
C PRO A 31 6.96 -25.01 14.72
N LEU A 32 6.11 -25.02 13.69
CA LEU A 32 5.44 -26.26 13.28
C LEU A 32 5.60 -26.48 11.77
N PHE A 33 6.69 -27.13 11.40
CA PHE A 33 6.98 -27.42 10.00
C PHE A 33 6.81 -26.18 9.12
N PRO A 34 7.59 -25.13 9.41
CA PRO A 34 7.54 -23.87 8.66
C PRO A 34 7.99 -24.01 7.23
N GLY A 35 7.48 -23.13 6.40
CA GLY A 35 7.82 -23.14 4.99
C GLY A 35 9.15 -22.47 4.70
N PRO A 36 9.60 -22.51 3.44
CA PRO A 36 10.88 -21.90 3.05
C PRO A 36 10.83 -20.38 3.08
N SER A 37 11.98 -19.77 3.34
CA SER A 37 12.07 -18.31 3.41
C SER A 37 11.92 -17.70 2.02
N LYS A 38 11.59 -16.41 1.98
CA LYS A 38 11.43 -15.70 0.73
C LYS A 38 12.59 -14.72 0.49
N PRO A 39 13.54 -15.06 -0.41
CA PRO A 39 14.69 -14.20 -0.70
C PRO A 39 14.26 -12.77 -1.06
N ILE A 1 7.90 8.65 -27.92
CA ILE A 1 7.10 8.43 -26.69
C ILE A 1 5.88 9.35 -26.67
N GLU A 2 4.70 8.76 -26.47
CA GLU A 2 3.47 9.53 -26.42
C GLU A 2 3.26 10.18 -25.06
N VAL A 3 4.04 9.77 -24.06
CA VAL A 3 3.93 10.32 -22.72
C VAL A 3 5.30 10.62 -22.13
N MET A 4 5.45 11.81 -21.53
CA MET A 4 6.72 12.22 -20.94
C MET A 4 6.70 12.14 -19.41
N TYR A 5 5.55 11.79 -18.83
CA TYR A 5 5.45 11.68 -17.37
C TYR A 5 4.72 10.41 -16.95
N PRO A 6 5.01 9.89 -15.74
CA PRO A 6 4.36 8.68 -15.22
C PRO A 6 2.90 8.93 -14.83
N PRO A 7 2.08 7.86 -14.79
CA PRO A 7 0.66 7.97 -14.41
C PRO A 7 0.47 8.26 -12.93
N PRO A 8 -0.70 8.82 -12.55
CA PRO A 8 -1.01 9.16 -11.17
C PRO A 8 -1.40 7.92 -10.38
N TYR A 9 -1.23 7.96 -9.08
CA TYR A 9 -1.60 6.84 -8.26
C TYR A 9 -1.75 7.22 -6.79
N LEU A 10 -2.73 6.62 -6.14
CA LEU A 10 -3.01 6.89 -4.73
C LEU A 10 -1.73 6.83 -3.89
N ASP A 11 -1.15 5.64 -3.78
CA ASP A 11 0.07 5.42 -3.02
C ASP A 11 -0.10 5.74 -1.53
N ASN A 12 -1.32 6.06 -1.10
CA ASN A 12 -1.57 6.38 0.29
C ASN A 12 -1.58 5.10 1.11
N GLU A 13 -2.00 4.02 0.47
CA GLU A 13 -2.06 2.72 1.11
C GLU A 13 -0.66 2.24 1.47
N LYS A 14 0.28 2.53 0.57
CA LYS A 14 1.67 2.14 0.75
C LYS A 14 2.44 3.14 1.62
N SER A 15 1.77 4.24 2.00
CA SER A 15 2.40 5.25 2.83
C SER A 15 2.84 4.65 4.16
N ASN A 16 2.02 3.78 4.71
CA ASN A 16 2.32 3.13 5.98
C ASN A 16 3.46 2.13 5.78
N GLY A 17 4.57 2.35 6.47
CA GLY A 17 5.71 1.46 6.36
C GLY A 17 6.71 1.92 5.32
N THR A 18 6.31 2.90 4.51
CA THR A 18 7.16 3.45 3.46
C THR A 18 7.84 2.37 2.66
N ILE A 19 7.06 1.75 1.79
CA ILE A 19 7.56 0.69 0.93
C ILE A 19 7.48 1.11 -0.55
N ILE A 20 8.64 1.14 -1.20
CA ILE A 20 8.71 1.53 -2.60
C ILE A 20 8.78 0.31 -3.51
N HIS A 21 9.70 -0.60 -3.19
CA HIS A 21 9.88 -1.83 -3.97
C HIS A 21 10.40 -1.54 -5.38
N VAL A 22 11.47 -0.75 -5.48
CA VAL A 22 12.06 -0.42 -6.77
C VAL A 22 13.57 -0.58 -6.74
N LYS A 23 14.18 -0.70 -7.91
CA LYS A 23 15.63 -0.86 -8.00
C LYS A 23 16.19 -0.06 -9.17
N GLY A 24 17.27 0.67 -8.92
CA GLY A 24 17.89 1.47 -9.96
C GLY A 24 17.51 2.94 -9.87
N LYS A 25 18.39 3.80 -10.35
CA LYS A 25 18.16 5.24 -10.33
C LYS A 25 18.39 5.86 -11.71
N HIS A 26 17.67 6.94 -11.99
CA HIS A 26 17.79 7.64 -13.27
C HIS A 26 17.38 6.76 -14.44
N LEU A 27 18.30 5.92 -14.90
CA LEU A 27 18.04 5.03 -16.03
C LEU A 27 17.65 5.82 -17.26
N CYS A 28 18.54 6.71 -17.69
CA CYS A 28 18.30 7.55 -18.86
C CYS A 28 18.12 6.68 -20.11
N PRO A 29 17.12 6.99 -20.97
CA PRO A 29 16.88 6.21 -22.19
C PRO A 29 17.98 6.40 -23.23
N SER A 30 18.14 5.42 -24.11
CA SER A 30 19.16 5.47 -25.15
C SER A 30 20.55 5.25 -24.56
N PRO A 31 21.50 4.73 -25.36
CA PRO A 31 22.86 4.47 -24.90
C PRO A 31 23.74 5.71 -24.97
N LEU A 32 23.71 6.37 -26.12
CA LEU A 32 24.50 7.58 -26.33
C LEU A 32 23.75 8.55 -27.23
N PHE A 33 23.59 9.78 -26.75
CA PHE A 33 22.90 10.80 -27.52
C PHE A 33 21.48 10.35 -27.88
N PRO A 34 20.57 10.38 -26.91
CA PRO A 34 19.17 9.97 -27.11
C PRO A 34 18.49 10.81 -28.19
N GLY A 35 17.66 10.16 -28.97
CA GLY A 35 16.96 10.84 -30.03
C GLY A 35 15.88 11.80 -29.51
N PRO A 36 15.55 12.86 -30.27
CA PRO A 36 14.54 13.83 -29.86
C PRO A 36 13.12 13.26 -29.94
N SER A 37 12.24 13.80 -29.10
CA SER A 37 10.85 13.36 -29.07
C SER A 37 10.15 13.65 -30.39
N LYS A 38 9.33 12.72 -30.85
CA LYS A 38 8.60 12.89 -32.10
C LYS A 38 7.50 13.94 -31.94
N PRO A 39 7.07 14.55 -33.06
CA PRO A 39 6.01 15.57 -33.03
C PRO A 39 4.78 15.11 -32.26
N ILE A 1 -2.13 5.04 -14.98
CA ILE A 1 -1.45 6.36 -14.94
C ILE A 1 -1.33 6.99 -16.33
N GLU A 2 -1.76 6.25 -17.34
CA GLU A 2 -1.72 6.74 -18.72
C GLU A 2 -2.57 7.98 -18.89
N VAL A 3 -3.76 7.98 -18.28
CA VAL A 3 -4.67 9.10 -18.38
C VAL A 3 -3.99 10.40 -17.92
N MET A 4 -3.32 10.35 -16.78
CA MET A 4 -2.63 11.52 -16.23
C MET A 4 -3.56 12.57 -15.63
N TYR A 5 -4.67 12.88 -16.30
CA TYR A 5 -5.61 13.90 -15.79
C TYR A 5 -6.12 13.56 -14.40
N PRO A 6 -6.74 12.40 -14.22
CA PRO A 6 -7.27 11.99 -12.92
C PRO A 6 -6.16 11.58 -11.96
N PRO A 7 -6.44 11.57 -10.64
CA PRO A 7 -5.44 11.18 -9.62
C PRO A 7 -4.91 9.77 -9.85
N PRO A 8 -3.65 9.50 -9.46
CA PRO A 8 -3.04 8.18 -9.62
C PRO A 8 -3.49 7.20 -8.56
N TYR A 9 -3.06 5.95 -8.74
CA TYR A 9 -3.41 4.90 -7.80
C TYR A 9 -3.17 5.38 -6.36
N LEU A 10 -3.96 4.81 -5.46
CA LEU A 10 -3.91 5.12 -4.03
C LEU A 10 -2.55 4.80 -3.43
N ASP A 11 -1.63 5.68 -3.71
CA ASP A 11 -0.25 5.57 -3.21
C ASP A 11 -0.23 5.65 -1.69
N ASN A 12 -1.27 6.26 -1.12
CA ASN A 12 -1.39 6.41 0.33
C ASN A 12 -1.48 5.06 1.03
N GLU A 13 -1.86 4.02 0.28
CA GLU A 13 -2.00 2.69 0.85
C GLU A 13 -0.67 2.18 1.42
N LYS A 14 0.43 2.42 0.71
CA LYS A 14 1.74 1.98 1.17
C LYS A 14 2.04 2.58 2.54
N SER A 15 1.49 3.75 2.80
CA SER A 15 1.69 4.44 4.07
C SER A 15 0.49 5.30 4.41
N ASN A 16 -0.57 4.67 4.91
CA ASN A 16 -1.79 5.39 5.27
C ASN A 16 -1.52 6.41 6.38
N GLY A 17 -0.68 6.02 7.33
CA GLY A 17 -0.35 6.90 8.43
C GLY A 17 -1.48 7.02 9.44
N THR A 18 -2.39 6.05 9.42
CA THR A 18 -3.52 6.05 10.35
C THR A 18 -3.07 5.97 11.80
N ILE A 19 -2.16 5.06 12.07
CA ILE A 19 -1.61 4.85 13.40
C ILE A 19 -2.65 4.30 14.37
N ILE A 20 -3.62 5.15 14.73
CA ILE A 20 -4.69 4.79 15.65
C ILE A 20 -5.06 3.31 15.56
N HIS A 21 -5.18 2.68 16.71
CA HIS A 21 -5.51 1.27 16.76
C HIS A 21 -6.90 1.01 16.21
N VAL A 22 -7.06 -0.12 15.55
CA VAL A 22 -8.33 -0.51 14.96
C VAL A 22 -8.87 -1.77 15.62
N LYS A 23 -10.12 -1.73 16.06
CA LYS A 23 -10.76 -2.87 16.71
C LYS A 23 -10.20 -3.07 18.12
N GLY A 24 -11.04 -3.57 19.02
CA GLY A 24 -10.61 -3.80 20.38
C GLY A 24 -9.70 -5.01 20.52
N LYS A 25 -9.05 -5.13 21.66
CA LYS A 25 -8.15 -6.23 21.94
C LYS A 25 -8.73 -7.18 23.00
N HIS A 26 -10.01 -7.00 23.32
CA HIS A 26 -10.66 -7.83 24.33
C HIS A 26 -10.64 -9.31 23.96
N LEU A 27 -11.02 -9.63 22.72
CA LEU A 27 -11.03 -11.01 22.27
C LEU A 27 -10.57 -11.16 20.83
N CYS A 28 -11.00 -10.26 19.97
CA CYS A 28 -10.62 -10.30 18.56
C CYS A 28 -9.15 -9.93 18.38
N PRO A 29 -8.55 -10.32 17.23
CA PRO A 29 -7.14 -10.04 16.95
C PRO A 29 -6.81 -8.56 17.01
N SER A 30 -5.63 -8.23 17.54
CA SER A 30 -5.20 -6.85 17.66
C SER A 30 -4.85 -6.28 16.28
N PRO A 31 -4.96 -4.95 16.11
CA PRO A 31 -4.66 -4.28 14.84
C PRO A 31 -3.18 -4.39 14.49
N LEU A 32 -2.34 -4.47 15.50
CA LEU A 32 -0.90 -4.58 15.31
C LEU A 32 -0.32 -5.64 16.23
N PHE A 33 -0.60 -6.91 15.92
CA PHE A 33 -0.11 -8.02 16.72
C PHE A 33 -0.73 -7.98 18.12
N PRO A 34 -1.13 -9.14 18.68
CA PRO A 34 -1.74 -9.20 20.01
C PRO A 34 -0.86 -8.60 21.10
N GLY A 35 -1.48 -7.78 21.92
CA GLY A 35 -0.77 -7.14 23.01
C GLY A 35 -0.66 -8.03 24.23
N PRO A 36 0.05 -7.57 25.28
CA PRO A 36 0.24 -8.33 26.52
C PRO A 36 -1.09 -8.67 27.18
N SER A 37 -1.17 -9.86 27.76
CA SER A 37 -2.38 -10.31 28.44
C SER A 37 -2.71 -9.39 29.62
N LYS A 38 -1.69 -8.99 30.35
CA LYS A 38 -1.86 -8.11 31.50
C LYS A 38 -2.22 -6.69 31.05
N PRO A 39 -2.94 -5.93 31.90
CA PRO A 39 -3.33 -4.55 31.56
C PRO A 39 -2.14 -3.61 31.52
N ILE A 1 -1.65 -5.90 -23.76
CA ILE A 1 -2.10 -6.28 -22.40
C ILE A 1 -2.74 -5.10 -21.69
N GLU A 2 -3.69 -5.40 -20.82
CA GLU A 2 -4.39 -4.38 -20.05
C GLU A 2 -4.70 -4.87 -18.65
N VAL A 3 -4.76 -3.95 -17.71
CA VAL A 3 -5.05 -4.29 -16.32
C VAL A 3 -6.36 -3.67 -15.86
N MET A 4 -7.33 -4.52 -15.57
CA MET A 4 -8.63 -4.08 -15.12
C MET A 4 -9.17 -4.98 -14.00
N TYR A 5 -8.42 -6.02 -13.64
CA TYR A 5 -8.86 -6.93 -12.58
C TYR A 5 -8.19 -6.61 -11.26
N PRO A 6 -6.86 -6.51 -11.23
CA PRO A 6 -6.13 -6.19 -10.00
C PRO A 6 -6.57 -4.85 -9.41
N PRO A 7 -6.47 -4.67 -8.08
CA PRO A 7 -6.87 -3.41 -7.45
C PRO A 7 -6.12 -2.20 -8.01
N PRO A 8 -6.74 -1.00 -7.95
CA PRO A 8 -6.13 0.23 -8.47
C PRO A 8 -4.95 0.70 -7.63
N TYR A 9 -4.13 1.55 -8.23
CA TYR A 9 -2.96 2.08 -7.55
C TYR A 9 -3.37 2.97 -6.38
N LEU A 10 -2.72 2.77 -5.24
CA LEU A 10 -3.01 3.55 -4.04
C LEU A 10 -1.74 3.86 -3.28
N ASP A 11 -1.13 4.98 -3.63
CA ASP A 11 0.10 5.42 -2.99
C ASP A 11 -0.11 5.64 -1.50
N ASN A 12 -1.29 6.14 -1.15
CA ASN A 12 -1.64 6.40 0.25
C ASN A 12 -1.57 5.11 1.07
N GLU A 13 -2.04 4.02 0.48
CA GLU A 13 -2.04 2.73 1.16
C GLU A 13 -0.62 2.29 1.49
N LYS A 14 0.28 2.47 0.53
CA LYS A 14 1.67 2.09 0.72
C LYS A 14 2.51 3.28 1.21
N SER A 15 1.85 4.32 1.69
CA SER A 15 2.54 5.51 2.19
C SER A 15 3.41 5.15 3.40
N ASN A 16 3.06 4.08 4.08
CA ASN A 16 3.82 3.64 5.25
C ASN A 16 5.25 3.30 4.87
N GLY A 17 5.40 2.66 3.72
CA GLY A 17 6.71 2.29 3.22
C GLY A 17 7.05 0.83 3.46
N THR A 18 6.46 0.25 4.50
CA THR A 18 6.71 -1.16 4.82
C THR A 18 5.72 -1.66 5.87
N ILE A 19 5.64 -0.93 6.97
CA ILE A 19 4.75 -1.29 8.06
C ILE A 19 3.31 -0.97 7.70
N ILE A 20 2.56 -2.01 7.37
CA ILE A 20 1.16 -1.86 6.99
C ILE A 20 0.31 -1.42 8.18
N HIS A 21 0.57 -2.03 9.34
CA HIS A 21 -0.16 -1.71 10.55
C HIS A 21 -1.64 -2.06 10.43
N VAL A 22 -1.94 -3.09 9.65
CA VAL A 22 -3.32 -3.53 9.45
C VAL A 22 -3.47 -5.03 9.73
N LYS A 23 -4.45 -5.37 10.56
CA LYS A 23 -4.70 -6.76 10.90
C LYS A 23 -5.03 -7.58 9.66
N GLY A 24 -5.87 -7.02 8.80
CA GLY A 24 -6.25 -7.70 7.57
C GLY A 24 -7.16 -6.86 6.70
N LYS A 25 -7.56 -7.41 5.56
CA LYS A 25 -8.44 -6.71 4.63
C LYS A 25 -9.64 -7.58 4.26
N HIS A 26 -10.77 -6.93 4.01
CA HIS A 26 -11.99 -7.64 3.64
C HIS A 26 -12.35 -8.67 4.70
N LEU A 27 -12.26 -8.28 5.96
CA LEU A 27 -12.57 -9.17 7.06
C LEU A 27 -11.83 -10.49 6.92
N CYS A 28 -12.31 -11.50 7.63
CA CYS A 28 -11.70 -12.83 7.59
C CYS A 28 -11.94 -13.50 6.24
N PRO A 29 -11.03 -14.41 5.82
CA PRO A 29 -11.16 -15.11 4.54
C PRO A 29 -12.31 -16.11 4.55
N SER A 30 -12.87 -16.36 3.37
CA SER A 30 -13.98 -17.30 3.22
C SER A 30 -15.06 -17.04 4.26
N PRO A 31 -15.81 -15.94 4.12
CA PRO A 31 -16.87 -15.59 5.07
C PRO A 31 -18.15 -16.36 4.80
N LEU A 32 -18.62 -16.33 3.56
CA LEU A 32 -19.83 -17.03 3.18
C LEU A 32 -19.74 -17.56 1.75
N PHE A 33 -19.77 -18.88 1.59
CA PHE A 33 -19.70 -19.50 0.26
C PHE A 33 -18.56 -18.93 -0.57
N PRO A 34 -17.31 -19.25 -0.18
CA PRO A 34 -16.11 -18.77 -0.87
C PRO A 34 -16.06 -19.25 -2.32
N GLY A 35 -15.47 -18.44 -3.16
CA GLY A 35 -15.36 -18.77 -4.57
C GLY A 35 -16.62 -18.48 -5.34
N PRO A 36 -16.71 -18.95 -6.60
CA PRO A 36 -17.89 -18.73 -7.44
C PRO A 36 -19.10 -19.52 -6.96
N SER A 37 -20.28 -18.99 -7.25
CA SER A 37 -21.52 -19.64 -6.85
C SER A 37 -22.64 -19.34 -7.83
N LYS A 38 -23.50 -20.32 -8.06
CA LYS A 38 -24.61 -20.17 -8.99
C LYS A 38 -25.93 -20.61 -8.35
N PRO A 39 -27.07 -20.08 -8.82
CA PRO A 39 -28.39 -20.42 -8.29
C PRO A 39 -28.58 -21.93 -8.14
N ILE A 1 11.27 9.34 -14.16
CA ILE A 1 9.94 9.02 -14.73
C ILE A 1 9.20 10.30 -15.14
N GLU A 2 8.02 10.12 -15.72
CA GLU A 2 7.21 11.25 -16.17
C GLU A 2 5.96 11.38 -15.31
N VAL A 3 5.70 12.59 -14.82
CA VAL A 3 4.54 12.85 -13.99
C VAL A 3 3.60 13.85 -14.66
N MET A 4 2.33 13.48 -14.78
CA MET A 4 1.35 14.35 -15.40
C MET A 4 1.17 15.61 -14.58
N TYR A 5 1.25 15.45 -13.25
CA TYR A 5 1.12 16.53 -12.25
C TYR A 5 0.55 16.01 -10.95
N PRO A 6 -0.68 15.51 -10.98
CA PRO A 6 -1.33 14.97 -9.78
C PRO A 6 -0.76 13.62 -9.35
N PRO A 7 -0.97 13.23 -8.09
CA PRO A 7 -0.47 11.96 -7.56
C PRO A 7 -1.20 10.76 -8.14
N PRO A 8 -0.56 9.57 -8.12
CA PRO A 8 -1.14 8.35 -8.65
C PRO A 8 -2.24 7.77 -7.77
N TYR A 9 -2.92 6.76 -8.29
CA TYR A 9 -3.99 6.10 -7.56
C TYR A 9 -3.58 5.75 -6.13
N LEU A 10 -4.43 6.17 -5.20
CA LEU A 10 -4.28 5.97 -3.74
C LEU A 10 -2.92 5.39 -3.35
N ASP A 11 -1.87 6.11 -3.65
CA ASP A 11 -0.51 5.68 -3.33
C ASP A 11 -0.28 5.65 -1.82
N ASN A 12 -1.20 6.26 -1.07
CA ASN A 12 -1.10 6.30 0.38
C ASN A 12 -1.31 4.92 0.99
N GLU A 13 -1.74 3.97 0.17
CA GLU A 13 -1.98 2.61 0.64
C GLU A 13 -0.75 2.06 1.34
N LYS A 14 0.42 2.49 0.87
CA LYS A 14 1.69 2.05 1.45
C LYS A 14 1.75 0.53 1.51
N SER A 15 0.98 -0.11 0.65
CA SER A 15 0.93 -1.56 0.57
C SER A 15 1.69 -2.03 -0.66
N ASN A 16 1.94 -1.10 -1.58
CA ASN A 16 2.67 -1.40 -2.81
C ASN A 16 4.07 -1.90 -2.48
N GLY A 17 4.69 -1.31 -1.46
CA GLY A 17 6.02 -1.72 -1.07
C GLY A 17 7.08 -0.70 -1.43
N THR A 18 6.65 0.49 -1.83
CA THR A 18 7.58 1.55 -2.20
C THR A 18 8.47 1.96 -1.02
N ILE A 19 7.85 2.12 0.14
CA ILE A 19 8.57 2.51 1.34
C ILE A 19 9.21 3.88 1.19
N ILE A 20 8.37 4.84 0.81
CA ILE A 20 8.83 6.21 0.63
C ILE A 20 9.38 6.79 1.93
N HIS A 21 8.64 6.58 3.01
CA HIS A 21 9.04 7.09 4.32
C HIS A 21 8.94 6.00 5.38
N VAL A 22 7.74 5.47 5.56
CA VAL A 22 7.49 4.42 6.54
C VAL A 22 6.71 3.25 5.93
N LYS A 23 6.77 2.10 6.60
CA LYS A 23 6.07 0.92 6.12
C LYS A 23 4.56 1.06 6.32
N GLY A 24 3.80 0.52 5.37
CA GLY A 24 2.35 0.59 5.45
C GLY A 24 1.73 -0.62 6.12
N LYS A 25 0.45 -0.85 5.85
CA LYS A 25 -0.27 -1.97 6.43
C LYS A 25 -0.72 -2.94 5.34
N HIS A 26 -0.89 -4.20 5.70
CA HIS A 26 -1.32 -5.22 4.75
C HIS A 26 -2.81 -5.09 4.45
N LEU A 27 -3.16 -4.07 3.67
CA LEU A 27 -4.55 -3.83 3.30
C LEU A 27 -4.76 -4.04 1.80
N CYS A 28 -5.92 -4.57 1.43
CA CYS A 28 -6.24 -4.83 0.04
C CYS A 28 -6.46 -3.51 -0.72
N PRO A 29 -6.20 -3.49 -2.03
CA PRO A 29 -6.38 -2.30 -2.86
C PRO A 29 -7.84 -1.94 -3.06
N SER A 30 -8.11 -0.64 -3.26
CA SER A 30 -9.46 -0.16 -3.47
C SER A 30 -10.32 -0.39 -2.22
N PRO A 31 -11.28 0.50 -1.95
CA PRO A 31 -12.16 0.38 -0.77
C PRO A 31 -13.13 -0.80 -0.90
N LEU A 32 -13.59 -1.05 -2.12
CA LEU A 32 -14.51 -2.15 -2.39
C LEU A 32 -14.23 -2.77 -3.75
N PHE A 33 -13.28 -3.70 -3.78
CA PHE A 33 -12.91 -4.37 -5.03
C PHE A 33 -12.42 -3.36 -6.07
N PRO A 34 -11.78 -3.83 -7.15
CA PRO A 34 -11.28 -2.96 -8.21
C PRO A 34 -12.40 -2.20 -8.89
N GLY A 35 -12.12 -0.94 -9.20
CA GLY A 35 -13.10 -0.09 -9.85
C GLY A 35 -13.55 -0.62 -11.21
N PRO A 36 -12.62 -1.04 -12.08
CA PRO A 36 -12.97 -1.57 -13.41
C PRO A 36 -13.90 -2.78 -13.32
N SER A 37 -14.86 -2.85 -14.25
CA SER A 37 -15.80 -3.96 -14.28
C SER A 37 -15.09 -5.28 -14.56
N LYS A 38 -13.93 -5.20 -15.20
CA LYS A 38 -13.16 -6.39 -15.53
C LYS A 38 -11.69 -6.21 -15.13
N PRO A 39 -11.36 -6.42 -13.84
CA PRO A 39 -10.00 -6.29 -13.35
C PRO A 39 -9.11 -7.43 -13.79
N ILE A 1 -11.13 20.06 -18.33
CA ILE A 1 -10.04 20.04 -17.31
C ILE A 1 -10.06 18.73 -16.51
N GLU A 2 -11.05 17.89 -16.76
CA GLU A 2 -11.16 16.62 -16.06
C GLU A 2 -10.09 15.64 -16.54
N VAL A 3 -9.60 14.84 -15.62
CA VAL A 3 -8.58 13.84 -15.93
C VAL A 3 -7.31 14.50 -16.45
N MET A 4 -6.25 14.46 -15.65
CA MET A 4 -4.98 15.05 -16.06
C MET A 4 -4.45 14.34 -17.28
N TYR A 5 -4.71 13.02 -17.32
CA TYR A 5 -4.30 12.11 -18.41
C TYR A 5 -4.14 10.70 -17.89
N PRO A 6 -3.20 10.48 -16.97
CA PRO A 6 -2.96 9.16 -16.40
C PRO A 6 -4.05 8.74 -15.42
N PRO A 7 -4.18 7.43 -15.15
CA PRO A 7 -5.19 6.90 -14.22
C PRO A 7 -4.91 7.28 -12.77
N PRO A 8 -5.95 7.30 -11.93
CA PRO A 8 -5.82 7.65 -10.50
C PRO A 8 -5.30 6.48 -9.69
N TYR A 9 -4.69 6.77 -8.54
CA TYR A 9 -4.18 5.73 -7.71
C TYR A 9 -3.94 6.25 -6.29
N LEU A 10 -4.28 5.41 -5.31
CA LEU A 10 -4.12 5.76 -3.91
C LEU A 10 -2.80 5.26 -3.37
N ASP A 11 -1.74 5.97 -3.72
CA ASP A 11 -0.39 5.63 -3.28
C ASP A 11 -0.30 5.63 -1.75
N ASN A 12 -1.25 6.31 -1.11
CA ASN A 12 -1.28 6.40 0.35
C ASN A 12 -1.43 5.02 1.01
N GLU A 13 -1.78 4.02 0.22
CA GLU A 13 -1.96 2.67 0.73
C GLU A 13 -0.68 2.13 1.38
N LYS A 14 0.47 2.44 0.79
CA LYS A 14 1.74 1.96 1.33
C LYS A 14 1.96 2.45 2.76
N SER A 15 1.40 3.61 3.08
CA SER A 15 1.54 4.18 4.43
C SER A 15 0.67 3.43 5.44
N ASN A 16 -0.22 2.58 4.95
CA ASN A 16 -1.10 1.81 5.83
C ASN A 16 -0.51 0.45 6.19
N GLY A 17 0.77 0.24 5.85
CA GLY A 17 1.41 -1.02 6.15
C GLY A 17 1.36 -2.01 5.00
N THR A 18 0.60 -1.69 3.97
CA THR A 18 0.46 -2.54 2.81
C THR A 18 1.81 -2.76 2.12
N ILE A 19 2.54 -1.66 1.95
CA ILE A 19 3.84 -1.71 1.31
C ILE A 19 3.75 -2.31 -0.09
N ILE A 20 3.86 -1.44 -1.08
CA ILE A 20 3.79 -1.87 -2.48
C ILE A 20 5.02 -1.45 -3.26
N HIS A 21 5.60 -2.39 -3.98
CA HIS A 21 6.79 -2.13 -4.78
C HIS A 21 6.45 -1.31 -6.02
N VAL A 22 7.47 -0.71 -6.63
CA VAL A 22 7.28 0.11 -7.81
C VAL A 22 8.14 -0.39 -8.97
N LYS A 23 7.50 -0.66 -10.11
CA LYS A 23 8.20 -1.14 -11.29
C LYS A 23 9.10 -2.33 -10.95
N GLY A 24 8.56 -3.25 -10.15
CA GLY A 24 9.33 -4.42 -9.76
C GLY A 24 10.61 -4.06 -9.05
N LYS A 25 11.71 -4.65 -9.49
CA LYS A 25 13.01 -4.39 -8.88
C LYS A 25 13.50 -2.98 -9.23
N HIS A 26 14.13 -2.34 -8.26
CA HIS A 26 14.65 -0.99 -8.45
C HIS A 26 16.12 -1.04 -8.83
N LEU A 27 16.41 -0.75 -10.10
CA LEU A 27 17.77 -0.75 -10.61
C LEU A 27 18.54 0.46 -10.08
N CYS A 28 19.79 0.23 -9.70
CA CYS A 28 20.64 1.29 -9.18
C CYS A 28 21.98 1.33 -9.92
N PRO A 29 22.00 1.91 -11.13
CA PRO A 29 23.22 2.01 -11.94
C PRO A 29 24.21 3.01 -11.36
N SER A 30 25.49 2.78 -11.63
CA SER A 30 26.55 3.67 -11.14
C SER A 30 26.51 5.01 -11.87
N PRO A 31 26.99 6.09 -11.21
CA PRO A 31 27.00 7.42 -11.82
C PRO A 31 28.02 7.55 -12.95
N LEU A 32 29.13 6.84 -12.81
CA LEU A 32 30.18 6.87 -13.82
C LEU A 32 30.86 5.51 -13.95
N PHE A 33 30.25 4.63 -14.73
CA PHE A 33 30.79 3.28 -14.94
C PHE A 33 30.79 2.50 -13.62
N PRO A 34 30.25 1.26 -13.58
CA PRO A 34 30.21 0.46 -12.36
C PRO A 34 31.59 0.13 -11.83
N GLY A 35 31.70 0.15 -10.52
CA GLY A 35 32.96 -0.15 -9.86
C GLY A 35 33.20 -1.64 -9.72
N PRO A 36 34.35 -2.03 -9.16
CA PRO A 36 34.70 -3.45 -8.97
C PRO A 36 33.69 -4.19 -8.11
N SER A 37 33.43 -5.44 -8.45
CA SER A 37 32.47 -6.26 -7.71
C SER A 37 32.93 -6.44 -6.26
N LYS A 38 34.22 -6.65 -6.08
CA LYS A 38 34.80 -6.84 -4.76
C LYS A 38 34.79 -5.54 -3.96
N PRO A 39 34.73 -5.62 -2.63
CA PRO A 39 34.72 -4.43 -1.77
C PRO A 39 36.05 -3.71 -1.77
N ILE A 1 -22.85 6.39 -10.98
CA ILE A 1 -21.61 7.07 -10.51
C ILE A 1 -21.00 6.38 -9.29
N GLU A 2 -21.69 5.38 -8.78
CA GLU A 2 -21.22 4.64 -7.62
C GLU A 2 -21.19 3.14 -7.89
N VAL A 3 -20.21 2.46 -7.31
CA VAL A 3 -20.08 1.02 -7.49
C VAL A 3 -20.35 0.25 -6.19
N MET A 4 -20.78 0.95 -5.14
CA MET A 4 -21.07 0.34 -3.86
C MET A 4 -19.82 -0.29 -3.24
N TYR A 5 -18.65 0.05 -3.76
CA TYR A 5 -17.40 -0.48 -3.25
C TYR A 5 -16.35 0.62 -3.15
N PRO A 6 -15.38 0.48 -2.22
CA PRO A 6 -14.32 1.47 -2.03
C PRO A 6 -13.32 1.49 -3.19
N PRO A 7 -12.61 2.62 -3.39
CA PRO A 7 -11.63 2.74 -4.46
C PRO A 7 -10.38 1.90 -4.20
N PRO A 8 -9.63 1.57 -5.26
CA PRO A 8 -8.41 0.77 -5.15
C PRO A 8 -7.25 1.54 -4.53
N TYR A 9 -6.26 0.80 -4.07
CA TYR A 9 -5.10 1.42 -3.47
C TYR A 9 -4.25 2.10 -4.54
N LEU A 10 -3.52 3.12 -4.14
CA LEU A 10 -2.66 3.85 -5.05
C LEU A 10 -1.29 4.05 -4.44
N ASP A 11 -1.16 5.12 -3.66
CA ASP A 11 0.11 5.44 -3.01
C ASP A 11 -0.11 5.66 -1.50
N ASN A 12 -1.29 6.13 -1.15
CA ASN A 12 -1.63 6.39 0.25
C ASN A 12 -1.57 5.11 1.07
N GLU A 13 -2.04 4.01 0.49
CA GLU A 13 -2.04 2.72 1.17
C GLU A 13 -0.62 2.29 1.50
N LYS A 14 0.28 2.47 0.54
CA LYS A 14 1.67 2.09 0.72
C LYS A 14 2.48 3.26 1.27
N SER A 15 2.31 3.51 2.56
CA SER A 15 3.01 4.60 3.23
C SER A 15 2.93 4.44 4.74
N ASN A 16 1.75 4.07 5.23
CA ASN A 16 1.55 3.89 6.66
C ASN A 16 1.37 2.42 7.01
N GLY A 17 2.35 1.86 7.71
CA GLY A 17 2.29 0.46 8.09
C GLY A 17 2.48 -0.48 6.93
N THR A 18 3.12 0.01 5.88
CA THR A 18 3.37 -0.79 4.69
C THR A 18 4.25 -2.00 5.00
N ILE A 19 5.31 -1.77 5.75
CA ILE A 19 6.23 -2.84 6.13
C ILE A 19 5.57 -3.82 7.09
N ILE A 20 5.53 -5.09 6.69
CA ILE A 20 4.92 -6.13 7.52
C ILE A 20 5.93 -7.22 7.85
N HIS A 21 6.37 -7.28 9.11
CA HIS A 21 7.31 -8.28 9.56
C HIS A 21 8.51 -8.37 8.62
N VAL A 22 8.97 -7.22 8.12
CA VAL A 22 10.12 -7.18 7.22
C VAL A 22 10.98 -5.95 7.46
N LYS A 23 12.29 -6.13 7.46
CA LYS A 23 13.22 -5.03 7.69
C LYS A 23 13.09 -3.98 6.58
N GLY A 24 12.95 -4.44 5.35
CA GLY A 24 12.82 -3.54 4.23
C GLY A 24 14.15 -3.01 3.74
N LYS A 25 14.12 -2.13 2.76
CA LYS A 25 15.34 -1.55 2.19
C LYS A 25 15.30 -0.03 2.27
N HIS A 26 16.44 0.56 2.62
CA HIS A 26 16.55 2.01 2.71
C HIS A 26 17.72 2.52 1.91
N LEU A 27 17.43 3.11 0.75
CA LEU A 27 18.47 3.64 -0.12
C LEU A 27 19.53 2.58 -0.40
N CYS A 28 19.14 1.32 -0.34
CA CYS A 28 20.06 0.21 -0.59
C CYS A 28 20.38 0.10 -2.08
N PRO A 29 21.53 -0.50 -2.43
CA PRO A 29 21.95 -0.65 -3.83
C PRO A 29 20.91 -1.41 -4.66
N SER A 30 20.74 -0.99 -5.90
CA SER A 30 19.79 -1.62 -6.81
C SER A 30 18.37 -1.51 -6.26
N PRO A 31 17.36 -1.60 -7.15
CA PRO A 31 15.96 -1.52 -6.77
C PRO A 31 15.39 -2.85 -6.31
N LEU A 32 15.67 -3.89 -7.09
CA LEU A 32 15.20 -5.24 -6.78
C LEU A 32 16.22 -6.28 -7.21
N PHE A 33 16.63 -7.12 -6.27
CA PHE A 33 17.60 -8.17 -6.56
C PHE A 33 18.88 -7.58 -7.15
N PRO A 34 19.74 -6.98 -6.30
CA PRO A 34 20.99 -6.37 -6.72
C PRO A 34 21.92 -7.37 -7.39
N GLY A 35 22.61 -6.90 -8.41
CA GLY A 35 23.53 -7.75 -9.14
C GLY A 35 24.87 -7.89 -8.43
N PRO A 36 25.76 -8.75 -8.97
CA PRO A 36 27.09 -8.98 -8.38
C PRO A 36 27.91 -7.70 -8.29
N SER A 37 28.69 -7.57 -7.23
CA SER A 37 29.52 -6.39 -7.03
C SER A 37 30.57 -6.27 -8.13
N LYS A 38 30.92 -7.40 -8.75
CA LYS A 38 31.91 -7.42 -9.82
C LYS A 38 31.34 -6.78 -11.08
N PRO A 39 32.22 -6.21 -11.93
CA PRO A 39 31.80 -5.56 -13.18
C PRO A 39 31.27 -6.56 -14.20
N ILE A 1 17.34 8.87 -3.08
CA ILE A 1 16.97 8.81 -4.52
C ILE A 1 16.31 10.09 -4.98
N GLU A 2 16.00 10.17 -6.27
CA GLU A 2 15.36 11.35 -6.83
C GLU A 2 14.11 10.97 -7.62
N VAL A 3 13.11 11.83 -7.60
CA VAL A 3 11.86 11.59 -8.31
C VAL A 3 11.36 12.84 -9.02
N MET A 4 11.01 12.69 -10.29
CA MET A 4 10.52 13.82 -11.09
C MET A 4 9.04 13.66 -11.46
N TYR A 5 8.35 12.72 -10.80
CA TYR A 5 6.94 12.49 -11.07
C TYR A 5 6.14 12.39 -9.77
N PRO A 6 4.83 12.69 -9.82
CA PRO A 6 3.96 12.63 -8.64
C PRO A 6 3.70 11.19 -8.19
N PRO A 7 3.27 11.00 -6.93
CA PRO A 7 2.98 9.66 -6.39
C PRO A 7 1.94 8.91 -7.23
N PRO A 8 2.03 7.57 -7.30
CA PRO A 8 1.09 6.75 -8.07
C PRO A 8 -0.27 6.64 -7.41
N TYR A 9 -1.21 6.08 -8.15
CA TYR A 9 -2.56 5.90 -7.65
C TYR A 9 -2.53 5.19 -6.29
N LEU A 10 -3.50 5.53 -5.46
CA LEU A 10 -3.65 4.97 -4.11
C LEU A 10 -2.33 4.67 -3.44
N ASP A 11 -1.39 5.56 -3.66
CA ASP A 11 -0.05 5.44 -3.08
C ASP A 11 -0.11 5.53 -1.56
N ASN A 12 -1.17 6.14 -1.07
CA ASN A 12 -1.38 6.31 0.37
C ASN A 12 -1.42 4.98 1.07
N GLU A 13 -2.02 3.99 0.42
CA GLU A 13 -2.13 2.66 0.98
C GLU A 13 -0.74 2.10 1.30
N LYS A 14 0.29 2.66 0.67
CA LYS A 14 1.66 2.24 0.87
C LYS A 14 1.86 0.78 0.52
N SER A 15 1.42 0.46 -0.68
CA SER A 15 1.53 -0.91 -1.21
C SER A 15 0.98 -1.91 -0.20
N ASN A 16 -0.19 -1.61 0.34
CA ASN A 16 -0.84 -2.50 1.31
C ASN A 16 0.05 -2.71 2.53
N GLY A 17 0.83 -1.68 2.86
CA GLY A 17 1.72 -1.76 4.00
C GLY A 17 3.09 -2.31 3.66
N THR A 18 3.22 -2.92 2.48
CA THR A 18 4.49 -3.49 2.04
C THR A 18 4.31 -4.38 0.81
N ILE A 19 3.26 -5.20 0.82
CA ILE A 19 2.98 -6.10 -0.29
C ILE A 19 4.11 -7.11 -0.46
N ILE A 20 3.78 -8.27 -1.01
CA ILE A 20 4.77 -9.31 -1.24
C ILE A 20 4.89 -9.65 -2.73
N HIS A 21 6.11 -9.59 -3.24
CA HIS A 21 6.37 -9.88 -4.64
C HIS A 21 6.96 -11.29 -4.81
N VAL A 22 6.41 -12.04 -5.76
CA VAL A 22 6.88 -13.40 -6.02
C VAL A 22 7.01 -13.65 -7.52
N LYS A 23 8.12 -14.28 -7.90
CA LYS A 23 8.39 -14.58 -9.31
C LYS A 23 8.31 -13.32 -10.18
N GLY A 24 8.72 -13.46 -11.44
CA GLY A 24 8.69 -12.35 -12.36
C GLY A 24 7.29 -11.79 -12.59
N LYS A 25 6.32 -12.68 -12.72
CA LYS A 25 4.94 -12.29 -12.95
C LYS A 25 4.33 -11.72 -11.68
N HIS A 26 3.51 -10.67 -11.84
CA HIS A 26 2.86 -10.04 -10.71
C HIS A 26 1.96 -11.02 -9.98
N LEU A 27 1.13 -11.74 -10.73
CA LEU A 27 0.22 -12.72 -10.16
C LEU A 27 -0.55 -12.14 -8.97
N CYS A 28 -1.50 -11.25 -9.24
CA CYS A 28 -2.28 -10.64 -8.18
C CYS A 28 -3.19 -11.68 -7.51
N PRO A 29 -3.47 -11.53 -6.19
CA PRO A 29 -4.33 -12.48 -5.46
C PRO A 29 -5.75 -12.52 -6.02
N SER A 30 -6.33 -13.72 -6.07
CA SER A 30 -7.69 -13.90 -6.58
C SER A 30 -7.83 -13.40 -8.01
N PRO A 31 -8.86 -13.91 -8.74
CA PRO A 31 -9.09 -13.51 -10.13
C PRO A 31 -9.58 -12.06 -10.25
N LEU A 32 -10.90 -11.84 -10.24
CA LEU A 32 -11.44 -10.48 -10.33
C LEU A 32 -12.72 -10.33 -9.51
N PHE A 33 -12.60 -10.55 -8.20
CA PHE A 33 -13.74 -10.44 -7.28
C PHE A 33 -13.37 -10.96 -5.90
N PRO A 34 -12.87 -12.22 -5.80
CA PRO A 34 -12.48 -12.84 -4.54
C PRO A 34 -11.27 -12.15 -3.92
N GLY A 35 -11.06 -12.40 -2.64
CA GLY A 35 -9.93 -11.81 -1.95
C GLY A 35 -10.20 -10.38 -1.51
N PRO A 36 -9.14 -9.64 -1.12
CA PRO A 36 -9.26 -8.25 -0.68
C PRO A 36 -9.64 -7.31 -1.82
N SER A 37 -10.30 -6.21 -1.47
CA SER A 37 -10.73 -5.22 -2.45
C SER A 37 -9.53 -4.61 -3.17
N LYS A 38 -8.47 -4.36 -2.41
CA LYS A 38 -7.26 -3.77 -2.98
C LYS A 38 -6.03 -4.60 -2.60
N PRO A 39 -4.96 -4.52 -3.42
CA PRO A 39 -3.72 -5.26 -3.17
C PRO A 39 -3.24 -5.12 -1.73
N ILE A 1 -8.10 9.34 -21.32
CA ILE A 1 -7.68 9.92 -22.62
C ILE A 1 -7.65 11.45 -22.56
N GLU A 2 -7.05 12.06 -23.57
CA GLU A 2 -6.95 13.51 -23.63
C GLU A 2 -6.38 14.07 -22.33
N VAL A 3 -5.36 13.41 -21.81
CA VAL A 3 -4.72 13.84 -20.57
C VAL A 3 -3.20 13.79 -20.68
N MET A 4 -2.56 14.90 -20.30
CA MET A 4 -1.11 14.98 -20.34
C MET A 4 -0.56 15.04 -18.92
N TYR A 5 -1.12 14.22 -18.04
CA TYR A 5 -0.70 14.17 -16.65
C TYR A 5 -0.52 12.72 -16.21
N PRO A 6 0.28 12.47 -15.16
CA PRO A 6 0.52 11.12 -14.66
C PRO A 6 -0.78 10.44 -14.21
N PRO A 7 -0.87 9.10 -14.29
CA PRO A 7 -2.07 8.37 -13.88
C PRO A 7 -2.26 8.40 -12.37
N PRO A 8 -3.51 8.21 -11.91
CA PRO A 8 -3.84 8.22 -10.47
C PRO A 8 -3.49 6.90 -9.81
N TYR A 9 -3.25 6.93 -8.52
CA TYR A 9 -2.93 5.72 -7.81
C TYR A 9 -3.03 5.91 -6.31
N LEU A 10 -3.53 4.89 -5.63
CA LEU A 10 -3.68 4.92 -4.19
C LEU A 10 -2.35 4.68 -3.50
N ASP A 11 -1.43 5.59 -3.73
CA ASP A 11 -0.09 5.52 -3.15
C ASP A 11 -0.14 5.60 -1.63
N ASN A 12 -1.21 6.17 -1.10
CA ASN A 12 -1.39 6.33 0.34
C ASN A 12 -1.40 4.97 1.05
N GLU A 13 -2.01 3.98 0.42
CA GLU A 13 -2.10 2.64 1.00
C GLU A 13 -0.72 2.11 1.37
N LYS A 14 0.30 2.60 0.69
CA LYS A 14 1.67 2.17 0.95
C LYS A 14 2.04 2.37 2.41
N SER A 15 1.44 3.39 3.03
CA SER A 15 1.70 3.70 4.44
C SER A 15 0.47 3.44 5.30
N ASN A 16 -0.70 3.41 4.67
CA ASN A 16 -1.95 3.18 5.38
C ASN A 16 -2.30 1.69 5.39
N GLY A 17 -2.12 1.06 6.55
CA GLY A 17 -2.43 -0.36 6.67
C GLY A 17 -1.24 -1.25 6.37
N THR A 18 -0.18 -0.66 5.83
CA THR A 18 1.02 -1.42 5.49
C THR A 18 1.67 -1.99 6.73
N ILE A 19 1.42 -1.37 7.88
CA ILE A 19 1.99 -1.83 9.14
C ILE A 19 1.48 -3.23 9.46
N ILE A 20 2.42 -4.12 9.78
CA ILE A 20 2.07 -5.50 10.11
C ILE A 20 2.36 -5.80 11.57
N HIS A 21 1.33 -6.27 12.28
CA HIS A 21 1.48 -6.61 13.69
C HIS A 21 0.51 -7.72 14.08
N VAL A 22 0.99 -8.66 14.88
CA VAL A 22 0.17 -9.78 15.32
C VAL A 22 0.46 -10.17 16.77
N LYS A 23 -0.56 -10.63 17.47
CA LYS A 23 -0.41 -11.03 18.87
C LYS A 23 -0.49 -12.54 19.02
N GLY A 24 0.31 -13.09 19.91
CA GLY A 24 0.33 -14.52 20.13
C GLY A 24 1.18 -15.26 19.11
N LYS A 25 1.18 -16.58 19.19
CA LYS A 25 1.95 -17.40 18.28
C LYS A 25 1.33 -17.40 16.89
N HIS A 26 2.18 -17.38 15.87
CA HIS A 26 1.72 -17.37 14.50
C HIS A 26 1.83 -18.77 13.89
N LEU A 27 0.68 -19.40 13.70
CA LEU A 27 0.63 -20.74 13.13
C LEU A 27 0.31 -20.68 11.63
N CYS A 28 1.20 -21.26 10.82
CA CYS A 28 1.02 -21.27 9.38
C CYS A 28 -0.26 -22.03 9.00
N PRO A 29 -1.10 -21.45 8.12
CA PRO A 29 -2.35 -22.10 7.69
C PRO A 29 -2.11 -23.31 6.80
N SER A 30 -3.04 -24.27 6.82
CA SER A 30 -2.93 -25.47 6.01
C SER A 30 -3.13 -25.15 4.53
N PRO A 31 -2.56 -25.97 3.64
CA PRO A 31 -2.68 -25.77 2.20
C PRO A 31 -3.96 -26.38 1.63
N LEU A 32 -4.23 -27.62 2.00
CA LEU A 32 -5.41 -28.33 1.54
C LEU A 32 -5.95 -29.25 2.63
N PHE A 33 -7.23 -29.11 2.94
CA PHE A 33 -7.86 -29.93 3.97
C PHE A 33 -7.12 -29.78 5.29
N PRO A 34 -7.34 -28.65 5.98
CA PRO A 34 -6.70 -28.37 7.27
C PRO A 34 -7.04 -29.41 8.32
N GLY A 35 -6.07 -29.73 9.14
CA GLY A 35 -6.26 -30.71 10.20
C GLY A 35 -6.92 -30.12 11.43
N PRO A 36 -7.21 -30.94 12.43
CA PRO A 36 -7.84 -30.49 13.68
C PRO A 36 -6.90 -29.65 14.54
N SER A 37 -7.48 -28.77 15.34
CA SER A 37 -6.71 -27.89 16.21
C SER A 37 -5.90 -28.71 17.22
N LYS A 38 -6.52 -29.77 17.74
CA LYS A 38 -5.85 -30.63 18.71
C LYS A 38 -4.78 -31.47 18.04
N PRO A 39 -3.75 -31.89 18.81
CA PRO A 39 -2.64 -32.69 18.27
C PRO A 39 -3.13 -33.87 17.44
N ILE A 1 -8.28 2.93 -30.78
CA ILE A 1 -8.10 3.85 -29.64
C ILE A 1 -7.69 3.09 -28.38
N GLU A 2 -6.86 3.72 -27.56
CA GLU A 2 -6.40 3.10 -26.31
C GLU A 2 -6.09 4.15 -25.27
N VAL A 3 -6.07 3.74 -24.00
CA VAL A 3 -5.78 4.65 -22.91
C VAL A 3 -4.39 5.26 -23.05
N MET A 4 -3.42 4.40 -23.37
CA MET A 4 -2.03 4.80 -23.54
C MET A 4 -1.31 5.01 -22.22
N TYR A 5 -1.67 6.07 -21.51
CA TYR A 5 -1.06 6.39 -20.22
C TYR A 5 -1.45 5.36 -19.15
N PRO A 6 -0.61 5.20 -18.11
CA PRO A 6 -0.88 4.24 -17.03
C PRO A 6 -2.01 4.70 -16.13
N PRO A 7 -2.65 3.75 -15.40
CA PRO A 7 -3.76 4.06 -14.50
C PRO A 7 -3.30 4.83 -13.26
N PRO A 8 -4.23 5.56 -12.61
CA PRO A 8 -3.92 6.35 -11.42
C PRO A 8 -3.83 5.46 -10.18
N TYR A 9 -3.20 5.97 -9.13
CA TYR A 9 -3.07 5.21 -7.91
C TYR A 9 -3.02 6.13 -6.69
N LEU A 10 -3.70 5.72 -5.62
CA LEU A 10 -3.75 6.48 -4.38
C LEU A 10 -2.36 6.70 -3.80
N ASP A 11 -1.53 5.66 -3.83
CA ASP A 11 -0.17 5.71 -3.31
C ASP A 11 -0.14 6.03 -1.81
N ASN A 12 -1.31 6.01 -1.16
CA ASN A 12 -1.40 6.30 0.26
C ASN A 12 -1.50 5.01 1.06
N GLU A 13 -1.90 3.93 0.40
CA GLU A 13 -2.03 2.63 1.05
C GLU A 13 -0.68 2.15 1.56
N LYS A 14 0.35 2.40 0.77
CA LYS A 14 1.71 1.99 1.13
C LYS A 14 2.14 2.66 2.43
N SER A 15 1.47 3.75 2.81
CA SER A 15 1.81 4.46 4.04
C SER A 15 1.62 3.56 5.26
N ASN A 16 0.56 2.77 5.23
CA ASN A 16 0.26 1.86 6.33
C ASN A 16 1.23 0.68 6.33
N GLY A 17 1.98 0.55 7.42
CA GLY A 17 2.94 -0.53 7.53
C GLY A 17 4.23 -0.25 6.79
N THR A 18 4.49 1.03 6.51
CA THR A 18 5.69 1.42 5.79
C THR A 18 6.95 1.03 6.57
N ILE A 19 6.94 1.29 7.86
CA ILE A 19 8.09 0.95 8.71
C ILE A 19 8.34 -0.54 8.68
N ILE A 20 9.41 -0.92 7.99
CA ILE A 20 9.79 -2.31 7.86
C ILE A 20 11.25 -2.54 8.22
N HIS A 21 11.49 -3.57 9.00
CA HIS A 21 12.85 -3.91 9.44
C HIS A 21 13.35 -5.17 8.74
N VAL A 22 14.42 -5.02 7.98
CA VAL A 22 15.00 -6.15 7.25
C VAL A 22 16.52 -6.08 7.26
N LYS A 23 17.16 -7.24 7.36
CA LYS A 23 18.62 -7.31 7.38
C LYS A 23 19.19 -7.00 6.00
N GLY A 24 20.34 -6.33 5.99
CA GLY A 24 20.97 -5.97 4.73
C GLY A 24 22.28 -5.24 4.93
N LYS A 25 22.92 -4.85 3.83
CA LYS A 25 24.17 -4.12 3.88
C LYS A 25 25.21 -4.90 4.69
N HIS A 26 25.26 -6.21 4.48
CA HIS A 26 26.21 -7.06 5.20
C HIS A 26 27.25 -7.63 4.24
N LEU A 27 28.50 -7.28 4.47
CA LEU A 27 29.60 -7.75 3.63
C LEU A 27 29.35 -7.42 2.16
N CYS A 28 28.50 -6.43 1.91
CA CYS A 28 28.18 -6.01 0.55
C CYS A 28 28.18 -4.49 0.42
N PRO A 29 29.36 -3.88 0.29
CA PRO A 29 29.50 -2.43 0.16
C PRO A 29 28.99 -1.91 -1.18
N SER A 30 28.48 -0.68 -1.18
CA SER A 30 27.95 -0.08 -2.39
C SER A 30 29.07 0.33 -3.34
N PRO A 31 28.74 0.53 -4.63
CA PRO A 31 29.72 0.92 -5.64
C PRO A 31 30.24 2.32 -5.36
N LEU A 32 30.68 3.00 -6.41
CA LEU A 32 31.20 4.35 -6.28
C LEU A 32 30.11 5.38 -6.59
N PHE A 33 29.69 6.11 -5.57
CA PHE A 33 28.66 7.13 -5.73
C PHE A 33 27.40 6.56 -6.36
N PRO A 34 26.65 5.75 -5.59
CA PRO A 34 25.42 5.12 -6.05
C PRO A 34 24.36 6.15 -6.44
N GLY A 35 23.57 5.81 -7.45
CA GLY A 35 22.53 6.70 -7.91
C GLY A 35 21.16 6.35 -7.34
N PRO A 36 20.58 5.23 -7.80
CA PRO A 36 19.26 4.78 -7.33
C PRO A 36 19.22 4.57 -5.82
N SER A 37 18.10 4.92 -5.21
CA SER A 37 17.93 4.78 -3.77
C SER A 37 17.99 3.31 -3.36
N LYS A 38 17.67 2.43 -4.30
CA LYS A 38 17.68 0.99 -4.03
C LYS A 38 19.12 0.48 -3.91
N PRO A 39 19.32 -0.65 -3.21
CA PRO A 39 20.65 -1.22 -3.02
C PRO A 39 21.08 -2.09 -4.21
N ILE A 1 -6.44 15.91 -27.15
CA ILE A 1 -6.97 15.01 -26.08
C ILE A 1 -7.03 15.72 -24.74
N GLU A 2 -7.67 15.08 -23.76
CA GLU A 2 -7.80 15.65 -22.43
C GLU A 2 -7.36 14.66 -21.36
N VAL A 3 -6.83 15.17 -20.25
CA VAL A 3 -6.38 14.33 -19.16
C VAL A 3 -7.55 13.56 -18.56
N MET A 4 -8.68 14.26 -18.45
CA MET A 4 -9.91 13.71 -17.89
C MET A 4 -9.83 13.74 -16.35
N TYR A 5 -8.85 14.50 -15.86
CA TYR A 5 -8.62 14.64 -14.43
C TYR A 5 -8.68 13.32 -13.66
N PRO A 6 -7.95 12.27 -14.10
CA PRO A 6 -7.96 10.99 -13.41
C PRO A 6 -6.95 11.01 -12.27
N PRO A 7 -7.34 10.61 -11.04
CA PRO A 7 -6.42 10.62 -9.91
C PRO A 7 -5.39 9.49 -10.00
N PRO A 8 -4.27 9.62 -9.27
CA PRO A 8 -3.21 8.62 -9.27
C PRO A 8 -3.59 7.38 -8.49
N TYR A 9 -2.78 6.34 -8.62
CA TYR A 9 -3.04 5.11 -7.92
C TYR A 9 -3.01 5.39 -6.41
N LEU A 10 -3.62 4.48 -5.66
CA LEU A 10 -3.71 4.56 -4.21
C LEU A 10 -2.35 4.42 -3.53
N ASP A 11 -1.55 5.43 -3.71
CA ASP A 11 -0.21 5.49 -3.14
C ASP A 11 -0.25 5.55 -1.62
N ASN A 12 -1.23 6.26 -1.09
CA ASN A 12 -1.38 6.40 0.36
C ASN A 12 -1.51 5.04 1.05
N GLU A 13 -1.88 4.02 0.29
CA GLU A 13 -2.02 2.68 0.84
C GLU A 13 -0.69 2.20 1.40
N LYS A 14 0.37 2.47 0.67
CA LYS A 14 1.71 2.07 1.07
C LYS A 14 2.12 2.76 2.37
N SER A 15 1.74 4.03 2.50
CA SER A 15 2.07 4.81 3.68
C SER A 15 0.94 4.80 4.71
N ASN A 16 -0.01 3.89 4.56
CA ASN A 16 -1.13 3.82 5.50
C ASN A 16 -0.64 3.55 6.92
N GLY A 17 0.57 3.03 7.06
CA GLY A 17 1.12 2.76 8.38
C GLY A 17 0.43 1.61 9.08
N THR A 18 -0.11 0.67 8.31
CA THR A 18 -0.81 -0.48 8.88
C THR A 18 0.13 -1.31 9.75
N ILE A 19 1.33 -1.57 9.23
CA ILE A 19 2.32 -2.36 9.97
C ILE A 19 2.85 -1.58 11.15
N ILE A 20 2.83 -2.22 12.31
CA ILE A 20 3.31 -1.59 13.53
C ILE A 20 4.58 -2.28 14.05
N HIS A 21 5.67 -1.53 14.09
CA HIS A 21 6.95 -2.07 14.56
C HIS A 21 6.93 -2.33 16.06
N VAL A 22 6.42 -1.36 16.82
CA VAL A 22 6.35 -1.50 18.28
C VAL A 22 5.04 -0.93 18.81
N LYS A 23 4.81 -1.13 20.11
CA LYS A 23 3.60 -0.65 20.76
C LYS A 23 3.47 0.87 20.62
N GLY A 24 2.25 1.35 20.46
CA GLY A 24 2.01 2.77 20.32
C GLY A 24 0.53 3.12 20.25
N LYS A 25 0.23 4.40 20.14
CA LYS A 25 -1.14 4.86 20.07
C LYS A 25 -1.37 5.71 18.81
N HIS A 26 -2.58 5.61 18.26
CA HIS A 26 -2.92 6.36 17.06
C HIS A 26 -3.88 7.50 17.40
N LEU A 27 -3.34 8.71 17.44
CA LEU A 27 -4.14 9.90 17.75
C LEU A 27 -4.90 10.38 16.51
N CYS A 28 -6.10 10.88 16.72
CA CYS A 28 -6.93 11.38 15.63
C CYS A 28 -6.36 12.68 15.07
N PRO A 29 -6.61 12.95 13.78
CA PRO A 29 -6.11 14.17 13.12
C PRO A 29 -6.82 15.43 13.62
N SER A 30 -6.11 16.56 13.58
CA SER A 30 -6.67 17.83 14.02
C SER A 30 -6.32 18.94 13.05
N PRO A 31 -6.92 18.92 11.85
CA PRO A 31 -6.66 19.94 10.81
C PRO A 31 -6.95 21.35 11.33
N LEU A 32 -8.04 21.47 12.08
CA LEU A 32 -8.44 22.74 12.65
C LEU A 32 -9.10 22.50 14.01
N PHE A 33 -8.27 22.43 15.05
CA PHE A 33 -8.76 22.20 16.40
C PHE A 33 -9.50 20.86 16.49
N PRO A 34 -9.61 20.29 17.70
CA PRO A 34 -10.29 19.02 17.92
C PRO A 34 -11.74 19.06 17.49
N GLY A 35 -12.17 17.99 16.85
CA GLY A 35 -13.54 17.89 16.37
C GLY A 35 -14.50 17.48 17.47
N PRO A 36 -15.81 17.48 17.18
CA PRO A 36 -16.84 17.11 18.15
C PRO A 36 -16.64 15.69 18.70
N SER A 37 -16.94 15.50 19.98
CA SER A 37 -16.79 14.20 20.61
C SER A 37 -17.72 13.17 19.96
N LYS A 38 -17.22 11.97 19.77
CA LYS A 38 -17.99 10.90 19.15
C LYS A 38 -17.93 9.62 20.00
N PRO A 39 -18.59 9.63 21.17
CA PRO A 39 -18.61 8.48 22.08
C PRO A 39 -19.41 7.31 21.51
N ILE A 1 -21.20 -2.30 2.09
CA ILE A 1 -21.01 -3.41 1.11
C ILE A 1 -21.54 -3.02 -0.28
N GLU A 2 -22.11 -1.84 -0.39
CA GLU A 2 -22.65 -1.36 -1.65
C GLU A 2 -21.55 -1.25 -2.71
N VAL A 3 -20.40 -0.73 -2.31
CA VAL A 3 -19.28 -0.57 -3.22
C VAL A 3 -18.82 -1.93 -3.75
N MET A 4 -18.75 -2.91 -2.84
CA MET A 4 -18.34 -4.27 -3.17
C MET A 4 -16.82 -4.38 -3.32
N TYR A 5 -16.30 -3.77 -4.37
CA TYR A 5 -14.86 -3.78 -4.65
C TYR A 5 -14.09 -2.92 -3.64
N PRO A 6 -12.80 -3.23 -3.44
CA PRO A 6 -11.95 -2.49 -2.50
C PRO A 6 -11.62 -1.08 -3.01
N PRO A 7 -11.23 -0.16 -2.11
CA PRO A 7 -10.89 1.22 -2.49
C PRO A 7 -9.77 1.27 -3.52
N PRO A 8 -9.76 2.28 -4.41
CA PRO A 8 -8.72 2.42 -5.44
C PRO A 8 -7.38 2.83 -4.86
N TYR A 9 -6.33 2.60 -5.64
CA TYR A 9 -4.97 2.94 -5.21
C TYR A 9 -4.73 4.44 -5.30
N LEU A 10 -4.20 5.02 -4.23
CA LEU A 10 -3.92 6.46 -4.21
C LEU A 10 -2.50 6.71 -3.70
N ASP A 11 -1.66 5.69 -3.80
CA ASP A 11 -0.27 5.76 -3.36
C ASP A 11 -0.17 6.09 -1.86
N ASN A 12 -1.28 5.99 -1.15
CA ASN A 12 -1.31 6.28 0.26
C ASN A 12 -1.46 4.98 1.05
N GLU A 13 -1.85 3.92 0.35
CA GLU A 13 -2.02 2.62 0.97
C GLU A 13 -0.70 2.14 1.55
N LYS A 14 0.38 2.39 0.82
CA LYS A 14 1.72 1.99 1.24
C LYS A 14 2.08 2.70 2.54
N SER A 15 1.72 3.97 2.64
CA SER A 15 2.01 4.75 3.83
C SER A 15 1.32 4.16 5.04
N ASN A 16 0.08 3.75 4.88
CA ASN A 16 -0.68 3.16 5.97
C ASN A 16 -0.22 1.73 6.22
N GLY A 17 0.21 1.46 7.44
CA GLY A 17 0.67 0.14 7.80
C GLY A 17 2.17 -0.04 7.63
N THR A 18 2.81 0.93 6.98
CA THR A 18 4.24 0.87 6.76
C THR A 18 5.00 0.73 8.08
N ILE A 19 4.36 1.10 9.19
CA ILE A 19 4.96 1.01 10.50
C ILE A 19 6.24 1.84 10.58
N ILE A 20 6.16 2.94 11.31
CA ILE A 20 7.30 3.84 11.47
C ILE A 20 7.60 4.09 12.94
N HIS A 21 6.54 4.22 13.74
CA HIS A 21 6.68 4.47 15.17
C HIS A 21 5.90 3.43 15.97
N VAL A 22 6.43 3.08 17.14
CA VAL A 22 5.79 2.10 18.00
C VAL A 22 5.70 2.60 19.44
N LYS A 23 4.80 2.00 20.21
CA LYS A 23 4.60 2.38 21.60
C LYS A 23 4.09 1.21 22.43
N GLY A 24 4.25 1.31 23.74
CA GLY A 24 3.79 0.24 24.62
C GLY A 24 4.72 -0.95 24.62
N LYS A 25 5.95 -0.75 24.16
CA LYS A 25 6.94 -1.82 24.11
C LYS A 25 7.23 -2.35 25.51
N HIS A 26 7.30 -1.45 26.48
CA HIS A 26 7.58 -1.84 27.86
C HIS A 26 6.28 -2.02 28.66
N LEU A 27 5.16 -1.58 28.08
CA LEU A 27 3.87 -1.71 28.74
C LEU A 27 3.51 -3.18 28.93
N CYS A 28 3.80 -3.99 27.92
CA CYS A 28 3.52 -5.42 27.97
C CYS A 28 4.77 -6.23 27.64
N PRO A 29 4.86 -7.47 28.16
CA PRO A 29 6.01 -8.35 27.90
C PRO A 29 6.08 -8.83 26.46
N SER A 30 7.28 -9.13 26.00
CA SER A 30 7.48 -9.61 24.63
C SER A 30 6.92 -11.02 24.46
N PRO A 31 6.53 -11.39 23.23
CA PRO A 31 5.97 -12.71 22.95
C PRO A 31 7.03 -13.83 23.06
N LEU A 32 7.68 -14.19 21.94
CA LEU A 32 8.70 -15.22 21.95
C LEU A 32 9.81 -14.92 20.95
N PHE A 33 10.48 -13.79 21.15
CA PHE A 33 11.58 -13.37 20.28
C PHE A 33 12.00 -11.92 20.58
N PRO A 34 11.04 -10.98 20.56
CA PRO A 34 11.31 -9.56 20.85
C PRO A 34 11.77 -9.35 22.28
N GLY A 35 12.42 -8.22 22.51
CA GLY A 35 12.91 -7.90 23.83
C GLY A 35 14.23 -8.58 24.13
N PRO A 36 14.67 -8.55 25.40
CA PRO A 36 15.93 -9.16 25.83
C PRO A 36 15.88 -10.69 25.76
N SER A 37 17.04 -11.29 25.52
CA SER A 37 17.14 -12.75 25.43
C SER A 37 16.77 -13.41 26.74
N LYS A 38 17.11 -12.76 27.84
CA LYS A 38 16.82 -13.29 29.18
C LYS A 38 15.33 -13.19 29.47
N PRO A 39 14.83 -14.05 30.39
CA PRO A 39 13.42 -14.06 30.77
C PRO A 39 12.89 -12.67 31.11
N ILE A 1 -5.07 6.14 -22.67
CA ILE A 1 -5.65 6.40 -21.33
C ILE A 1 -7.02 7.05 -21.45
N GLU A 2 -7.85 6.87 -20.42
CA GLU A 2 -9.19 7.43 -20.41
C GLU A 2 -9.14 8.95 -20.46
N VAL A 3 -8.21 9.54 -19.70
CA VAL A 3 -8.05 10.99 -19.66
C VAL A 3 -6.61 11.40 -19.84
N MET A 4 -6.40 12.65 -20.22
CA MET A 4 -5.06 13.19 -20.42
C MET A 4 -4.26 13.16 -19.12
N TYR A 5 -4.93 13.44 -18.02
CA TYR A 5 -4.31 13.47 -16.71
C TYR A 5 -3.87 12.06 -16.29
N PRO A 6 -2.84 11.95 -15.43
CA PRO A 6 -2.34 10.65 -14.96
C PRO A 6 -3.43 9.83 -14.28
N PRO A 7 -3.35 8.48 -14.34
CA PRO A 7 -4.35 7.60 -13.72
C PRO A 7 -4.29 7.66 -12.19
N PRO A 8 -5.40 7.30 -11.52
CA PRO A 8 -5.48 7.32 -10.05
C PRO A 8 -4.79 6.11 -9.44
N TYR A 9 -4.37 6.22 -8.21
CA TYR A 9 -3.72 5.13 -7.55
C TYR A 9 -3.68 5.32 -6.04
N LEU A 10 -3.83 4.22 -5.32
CA LEU A 10 -3.82 4.25 -3.86
C LEU A 10 -2.39 4.31 -3.34
N ASP A 11 -1.72 5.39 -3.67
CA ASP A 11 -0.35 5.62 -3.26
C ASP A 11 -0.25 5.66 -1.74
N ASN A 12 -1.26 6.27 -1.11
CA ASN A 12 -1.30 6.39 0.34
C ASN A 12 -1.46 5.03 1.02
N GLU A 13 -1.80 4.00 0.24
CA GLU A 13 -1.97 2.66 0.78
C GLU A 13 -0.68 2.15 1.41
N LYS A 14 0.44 2.42 0.77
CA LYS A 14 1.73 1.98 1.27
C LYS A 14 1.99 2.59 2.65
N SER A 15 1.42 3.77 2.87
CA SER A 15 1.59 4.45 4.15
C SER A 15 0.39 5.37 4.42
N ASN A 16 -0.69 4.77 4.90
CA ASN A 16 -1.91 5.52 5.22
C ASN A 16 -1.73 6.39 6.47
N GLY A 17 -0.65 6.16 7.22
CA GLY A 17 -0.40 6.94 8.41
C GLY A 17 -1.33 6.59 9.55
N THR A 18 -1.91 5.40 9.49
CA THR A 18 -2.83 4.93 10.53
C THR A 18 -2.12 4.69 11.87
N ILE A 19 -0.92 4.12 11.80
CA ILE A 19 -0.14 3.83 12.99
C ILE A 19 0.16 5.09 13.79
N ILE A 20 0.54 6.13 13.08
CA ILE A 20 0.86 7.42 13.71
C ILE A 20 2.02 7.28 14.70
N HIS A 21 1.69 6.96 15.95
CA HIS A 21 2.70 6.81 16.99
C HIS A 21 3.44 5.48 16.85
N VAL A 22 4.57 5.37 17.54
CA VAL A 22 5.38 4.15 17.49
C VAL A 22 5.93 3.82 18.87
N LYS A 23 5.91 2.53 19.22
CA LYS A 23 6.41 2.09 20.53
C LYS A 23 7.89 2.41 20.67
N GLY A 24 8.64 2.22 19.60
CA GLY A 24 10.07 2.48 19.64
C GLY A 24 10.87 1.31 20.16
N LYS A 25 12.18 1.47 20.23
CA LYS A 25 13.05 0.41 20.73
C LYS A 25 12.77 -0.91 20.04
N HIS A 26 12.57 -0.85 18.73
CA HIS A 26 12.28 -2.05 17.94
C HIS A 26 13.43 -3.05 18.04
N LEU A 27 14.65 -2.56 17.88
CA LEU A 27 15.84 -3.41 17.95
C LEU A 27 15.75 -4.56 16.94
N CYS A 28 15.91 -4.23 15.67
CA CYS A 28 15.86 -5.23 14.61
C CYS A 28 17.08 -6.14 14.65
N PRO A 29 17.00 -7.33 14.03
CA PRO A 29 18.11 -8.29 14.01
C PRO A 29 19.38 -7.70 13.41
N SER A 30 20.53 -8.07 13.96
CA SER A 30 21.81 -7.58 13.47
C SER A 30 22.12 -8.17 12.09
N PRO A 31 22.93 -7.47 11.29
CA PRO A 31 23.32 -7.93 9.95
C PRO A 31 24.51 -8.87 9.97
N LEU A 32 25.55 -8.47 10.71
CA LEU A 32 26.76 -9.26 10.81
C LEU A 32 27.36 -9.14 12.21
N PHE A 33 27.59 -10.28 12.85
CA PHE A 33 28.17 -10.29 14.18
C PHE A 33 27.31 -9.47 15.14
N PRO A 34 26.18 -10.03 15.57
CA PRO A 34 25.25 -9.37 16.49
C PRO A 34 25.91 -9.02 17.82
N GLY A 35 25.54 -7.87 18.34
CA GLY A 35 26.10 -7.42 19.60
C GLY A 35 25.41 -8.05 20.79
N PRO A 36 25.91 -7.79 22.01
CA PRO A 36 25.34 -8.33 23.25
C PRO A 36 23.99 -7.71 23.57
N SER A 37 23.16 -8.47 24.28
CA SER A 37 21.84 -8.00 24.67
C SER A 37 21.93 -6.78 25.58
N LYS A 38 21.06 -5.81 25.37
CA LYS A 38 21.05 -4.59 26.17
C LYS A 38 20.71 -4.92 27.63
N PRO A 39 21.44 -4.34 28.61
CA PRO A 39 21.18 -4.60 30.03
C PRO A 39 19.71 -4.44 30.38
N ILE A 1 -10.20 8.47 -6.71
CA ILE A 1 -11.65 8.23 -6.46
C ILE A 1 -12.06 6.82 -6.86
N GLU A 2 -12.97 6.24 -6.09
CA GLU A 2 -13.45 4.89 -6.36
C GLU A 2 -14.27 4.84 -7.64
N VAL A 3 -13.94 3.90 -8.51
CA VAL A 3 -14.64 3.75 -9.78
C VAL A 3 -14.92 2.28 -10.08
N MET A 4 -15.73 2.03 -11.11
CA MET A 4 -16.08 0.66 -11.49
C MET A 4 -15.31 0.14 -12.70
N TYR A 5 -14.96 1.03 -13.64
CA TYR A 5 -14.23 0.60 -14.83
C TYR A 5 -12.74 0.92 -14.77
N PRO A 6 -12.39 2.18 -14.51
CA PRO A 6 -10.98 2.59 -14.42
C PRO A 6 -10.22 1.74 -13.38
N PRO A 7 -8.90 1.55 -13.58
CA PRO A 7 -8.09 0.75 -12.65
C PRO A 7 -7.95 1.43 -11.30
N PRO A 8 -7.74 0.63 -10.22
CA PRO A 8 -7.59 1.16 -8.86
C PRO A 8 -6.21 1.75 -8.64
N TYR A 9 -6.13 2.76 -7.80
CA TYR A 9 -4.86 3.38 -7.53
C TYR A 9 -4.90 4.18 -6.24
N LEU A 10 -3.94 3.93 -5.35
CA LEU A 10 -3.88 4.63 -4.08
C LEU A 10 -2.48 4.52 -3.47
N ASP A 11 -1.66 5.52 -3.72
CA ASP A 11 -0.30 5.55 -3.20
C ASP A 11 -0.29 5.57 -1.68
N ASN A 12 -1.24 6.29 -1.09
CA ASN A 12 -1.32 6.39 0.36
C ASN A 12 -1.47 5.02 1.02
N GLU A 13 -1.83 4.02 0.25
CA GLU A 13 -2.00 2.67 0.79
C GLU A 13 -0.70 2.15 1.38
N LYS A 14 0.41 2.47 0.73
CA LYS A 14 1.72 2.03 1.19
C LYS A 14 2.84 2.94 0.69
N SER A 15 2.68 3.46 -0.53
CA SER A 15 3.68 4.34 -1.12
C SER A 15 3.88 5.59 -0.29
N ASN A 16 2.78 6.14 0.23
CA ASN A 16 2.86 7.35 1.05
C ASN A 16 2.31 7.10 2.45
N GLY A 17 3.20 7.08 3.43
CA GLY A 17 2.81 6.86 4.81
C GLY A 17 2.90 5.40 5.23
N THR A 18 3.05 4.52 4.25
CA THR A 18 3.16 3.08 4.51
C THR A 18 1.90 2.53 5.17
N ILE A 19 1.79 2.72 6.48
CA ILE A 19 0.64 2.24 7.23
C ILE A 19 0.49 0.72 7.09
N ILE A 20 0.84 0.01 8.15
CA ILE A 20 0.75 -1.45 8.15
C ILE A 20 -0.70 -1.91 7.98
N HIS A 21 -1.60 -1.26 8.71
CA HIS A 21 -3.02 -1.60 8.64
C HIS A 21 -3.87 -0.35 8.50
N VAL A 22 -4.87 -0.41 7.64
CA VAL A 22 -5.76 0.72 7.42
C VAL A 22 -7.22 0.33 7.66
N LYS A 23 -7.94 1.18 8.38
CA LYS A 23 -9.34 0.92 8.69
C LYS A 23 -10.19 0.84 7.42
N GLY A 24 -9.91 1.73 6.48
CA GLY A 24 -10.66 1.76 5.23
C GLY A 24 -11.97 2.50 5.37
N LYS A 25 -12.79 2.42 4.34
CA LYS A 25 -14.08 3.08 4.33
C LYS A 25 -15.04 2.40 5.31
N HIS A 26 -15.86 3.22 5.97
CA HIS A 26 -16.83 2.70 6.94
C HIS A 26 -17.90 1.87 6.25
N LEU A 27 -18.07 2.06 4.95
CA LEU A 27 -19.06 1.33 4.19
C LEU A 27 -18.43 0.15 3.46
N CYS A 28 -18.92 -1.05 3.75
CA CYS A 28 -18.40 -2.26 3.14
C CYS A 28 -18.88 -2.37 1.68
N PRO A 29 -18.19 -3.19 0.86
CA PRO A 29 -18.55 -3.37 -0.55
C PRO A 29 -19.99 -3.86 -0.72
N SER A 30 -20.67 -3.39 -1.76
CA SER A 30 -22.04 -3.78 -2.02
C SER A 30 -22.10 -5.24 -2.49
N PRO A 31 -23.22 -5.93 -2.22
CA PRO A 31 -23.40 -7.33 -2.62
C PRO A 31 -23.44 -7.49 -4.13
N LEU A 32 -23.91 -6.45 -4.80
CA LEU A 32 -24.01 -6.44 -6.26
C LEU A 32 -23.69 -5.06 -6.79
N PHE A 33 -22.40 -4.75 -6.87
CA PHE A 33 -21.94 -3.45 -7.35
C PHE A 33 -22.46 -2.33 -6.45
N PRO A 34 -21.78 -1.17 -6.46
CA PRO A 34 -22.16 -0.03 -5.64
C PRO A 34 -23.57 0.46 -5.94
N GLY A 35 -24.28 0.79 -4.87
CA GLY A 35 -25.65 1.27 -4.99
C GLY A 35 -25.71 2.74 -5.32
N PRO A 36 -26.92 3.28 -5.53
CA PRO A 36 -27.13 4.69 -5.86
C PRO A 36 -26.57 5.62 -4.78
N SER A 37 -26.04 6.76 -5.21
CA SER A 37 -25.47 7.73 -4.27
C SER A 37 -26.53 8.23 -3.30
N LYS A 38 -27.72 8.53 -3.83
CA LYS A 38 -28.82 9.02 -3.02
C LYS A 38 -30.11 8.24 -3.32
N PRO A 39 -30.26 7.05 -2.73
CA PRO A 39 -31.44 6.21 -2.94
C PRO A 39 -32.74 6.96 -2.67
N ILE A 1 10.69 8.49 -5.95
CA ILE A 1 11.91 8.08 -6.71
C ILE A 1 11.61 7.00 -7.73
N GLU A 2 10.36 6.55 -7.76
CA GLU A 2 9.95 5.50 -8.70
C GLU A 2 8.71 5.94 -9.48
N VAL A 3 8.63 5.52 -10.74
CA VAL A 3 7.50 5.87 -11.60
C VAL A 3 7.33 7.38 -11.71
N MET A 4 7.72 7.91 -12.87
CA MET A 4 7.62 9.35 -13.12
C MET A 4 6.96 9.61 -14.47
N TYR A 5 5.89 8.86 -14.75
CA TYR A 5 5.18 9.02 -16.03
C TYR A 5 3.66 8.84 -15.87
N PRO A 6 3.20 7.65 -15.48
CA PRO A 6 1.76 7.40 -15.31
C PRO A 6 1.20 8.13 -14.09
N PRO A 7 -0.13 8.32 -14.05
CA PRO A 7 -0.80 9.01 -12.94
C PRO A 7 -0.75 8.19 -11.64
N PRO A 8 -0.81 8.86 -10.48
CA PRO A 8 -0.77 8.19 -9.17
C PRO A 8 -2.12 7.62 -8.79
N TYR A 9 -2.12 6.73 -7.82
CA TYR A 9 -3.34 6.11 -7.35
C TYR A 9 -3.04 5.24 -6.13
N LEU A 10 -3.97 5.22 -5.17
CA LEU A 10 -3.84 4.41 -3.96
C LEU A 10 -2.40 4.37 -3.41
N ASP A 11 -1.66 5.44 -3.65
CA ASP A 11 -0.29 5.53 -3.19
C ASP A 11 -0.22 5.56 -1.67
N ASN A 12 -1.19 6.23 -1.07
CA ASN A 12 -1.27 6.34 0.39
C ASN A 12 -1.45 4.99 1.05
N GLU A 13 -1.84 4.00 0.27
CA GLU A 13 -2.04 2.66 0.78
C GLU A 13 -0.73 2.15 1.37
N LYS A 14 0.37 2.53 0.73
CA LYS A 14 1.69 2.12 1.15
C LYS A 14 1.78 0.61 1.21
N SER A 15 1.02 -0.02 0.34
CA SER A 15 0.99 -1.48 0.25
C SER A 15 0.65 -1.93 -1.17
N ASN A 16 -0.59 -1.67 -1.58
CA ASN A 16 -1.06 -2.05 -2.91
C ASN A 16 -0.82 -3.53 -3.17
N GLY A 17 -1.08 -4.36 -2.15
CA GLY A 17 -0.90 -5.79 -2.30
C GLY A 17 0.49 -6.26 -1.90
N THR A 18 1.39 -5.32 -1.67
CA THR A 18 2.73 -5.67 -1.27
C THR A 18 2.85 -5.68 0.24
N ILE A 19 2.68 -6.85 0.81
CA ILE A 19 2.77 -7.02 2.26
C ILE A 19 4.16 -6.68 2.77
N ILE A 20 5.17 -7.18 2.07
CA ILE A 20 6.56 -6.92 2.43
C ILE A 20 6.88 -7.54 3.81
N HIS A 21 8.07 -8.14 3.91
CA HIS A 21 8.49 -8.76 5.16
C HIS A 21 9.96 -8.44 5.45
N VAL A 22 10.46 -7.36 4.88
CA VAL A 22 11.85 -6.96 5.08
C VAL A 22 11.96 -5.45 5.22
N LYS A 23 12.82 -5.00 6.14
CA LYS A 23 13.02 -3.58 6.38
C LYS A 23 11.71 -2.90 6.78
N GLY A 24 10.96 -2.41 5.80
CA GLY A 24 9.70 -1.74 6.08
C GLY A 24 9.89 -0.32 6.57
N LYS A 25 11.09 0.22 6.38
CA LYS A 25 11.39 1.58 6.82
C LYS A 25 11.92 2.42 5.66
N HIS A 26 11.62 3.72 5.68
CA HIS A 26 12.07 4.62 4.63
C HIS A 26 13.58 4.70 4.60
N LEU A 27 14.17 4.75 5.79
CA LEU A 27 15.62 4.83 5.92
C LEU A 27 16.04 4.50 7.35
N CYS A 28 17.25 3.99 7.48
CA CYS A 28 17.79 3.62 8.79
C CYS A 28 19.22 4.14 8.96
N PRO A 29 19.66 4.38 10.20
CA PRO A 29 21.02 4.88 10.48
C PRO A 29 22.08 3.82 10.22
N SER A 30 23.27 4.27 9.86
CA SER A 30 24.39 3.37 9.58
C SER A 30 25.65 3.79 10.33
N PRO A 31 25.64 3.64 11.67
CA PRO A 31 26.77 4.01 12.50
C PRO A 31 27.86 2.95 12.49
N LEU A 32 27.45 1.70 12.69
CA LEU A 32 28.38 0.58 12.70
C LEU A 32 27.76 -0.67 12.10
N PHE A 33 28.32 -1.11 10.98
CA PHE A 33 27.82 -2.31 10.30
C PHE A 33 26.32 -2.26 10.11
N PRO A 34 25.82 -1.39 9.23
CA PRO A 34 24.40 -1.24 8.95
C PRO A 34 23.79 -2.49 8.35
N GLY A 35 22.52 -2.69 8.64
CA GLY A 35 21.81 -3.86 8.13
C GLY A 35 22.37 -5.17 8.64
N PRO A 36 22.61 -5.32 9.95
CA PRO A 36 23.16 -6.55 10.52
C PRO A 36 22.17 -7.71 10.48
N SER A 37 22.70 -8.92 10.43
CA SER A 37 21.87 -10.12 10.37
C SER A 37 22.59 -11.32 10.98
N LYS A 38 21.84 -12.36 11.31
CA LYS A 38 22.41 -13.56 11.89
C LYS A 38 23.28 -14.30 10.88
N PRO A 39 24.30 -15.05 11.34
CA PRO A 39 25.19 -15.80 10.46
C PRO A 39 24.43 -16.62 9.42
N ILE A 1 3.24 28.18 -8.25
CA ILE A 1 3.85 27.61 -7.03
C ILE A 1 3.08 26.39 -6.56
N GLU A 2 3.76 25.53 -5.80
CA GLU A 2 3.13 24.31 -5.27
C GLU A 2 2.59 23.45 -6.40
N VAL A 3 2.09 22.27 -6.04
CA VAL A 3 1.53 21.35 -7.02
C VAL A 3 0.27 21.91 -7.68
N MET A 4 0.49 22.75 -8.68
CA MET A 4 -0.63 23.36 -9.40
C MET A 4 -1.49 22.31 -10.11
N TYR A 5 -0.82 21.37 -10.74
CA TYR A 5 -1.49 20.29 -11.47
C TYR A 5 -2.16 19.31 -10.50
N PRO A 6 -3.12 18.52 -10.99
CA PRO A 6 -3.85 17.55 -10.16
C PRO A 6 -2.91 16.52 -9.52
N PRO A 7 -3.25 16.01 -8.32
CA PRO A 7 -2.43 15.03 -7.62
C PRO A 7 -2.43 13.66 -8.30
N PRO A 8 -1.40 12.84 -8.05
CA PRO A 8 -1.28 11.51 -8.64
C PRO A 8 -2.14 10.48 -7.93
N TYR A 9 -2.16 9.29 -8.50
CA TYR A 9 -2.91 8.20 -7.93
C TYR A 9 -2.66 8.10 -6.43
N LEU A 10 -3.65 7.57 -5.72
CA LEU A 10 -3.63 7.39 -4.26
C LEU A 10 -2.23 7.23 -3.68
N ASP A 11 -1.67 6.03 -3.84
CA ASP A 11 -0.33 5.72 -3.34
C ASP A 11 -0.20 5.92 -1.82
N ASN A 12 -1.32 6.13 -1.14
CA ASN A 12 -1.29 6.32 0.30
C ASN A 12 -1.47 5.00 1.04
N GLU A 13 -1.81 3.95 0.30
CA GLU A 13 -2.00 2.63 0.88
C GLU A 13 -0.70 2.13 1.51
N LYS A 14 0.41 2.39 0.82
CA LYS A 14 1.73 1.97 1.30
C LYS A 14 2.11 2.65 2.60
N SER A 15 1.42 3.73 2.95
CA SER A 15 1.71 4.47 4.19
C SER A 15 1.55 3.59 5.42
N ASN A 16 0.52 2.75 5.42
CA ASN A 16 0.27 1.88 6.57
C ASN A 16 1.49 1.00 6.86
N GLY A 17 2.02 1.11 8.07
CA GLY A 17 3.16 0.32 8.46
C GLY A 17 4.49 1.01 8.18
N THR A 18 4.44 2.12 7.45
CA THR A 18 5.64 2.87 7.12
C THR A 18 6.35 3.36 8.37
N ILE A 19 5.59 3.93 9.29
CA ILE A 19 6.14 4.44 10.54
C ILE A 19 6.48 3.30 11.48
N ILE A 20 7.74 3.22 11.89
CA ILE A 20 8.20 2.17 12.78
C ILE A 20 8.21 2.64 14.24
N HIS A 21 8.92 3.74 14.49
CA HIS A 21 9.01 4.29 15.84
C HIS A 21 9.41 5.76 15.79
N VAL A 22 8.90 6.53 16.75
CA VAL A 22 9.19 7.95 16.83
C VAL A 22 9.51 8.36 18.26
N LYS A 23 10.49 9.26 18.41
CA LYS A 23 10.90 9.74 19.73
C LYS A 23 10.90 11.26 19.78
N GLY A 24 10.34 11.81 20.86
CA GLY A 24 10.28 13.24 21.02
C GLY A 24 9.01 13.85 20.47
N LYS A 25 8.22 13.06 19.74
CA LYS A 25 6.99 13.56 19.16
C LYS A 25 5.81 12.66 19.55
N HIS A 26 4.69 13.29 19.90
CA HIS A 26 3.48 12.55 20.29
C HIS A 26 2.34 12.82 19.32
N LEU A 27 2.65 13.36 18.15
CA LEU A 27 1.64 13.65 17.14
C LEU A 27 1.79 12.74 15.93
N CYS A 28 0.67 12.21 15.45
CA CYS A 28 0.66 11.33 14.29
C CYS A 28 -0.39 11.77 13.28
N PRO A 29 -0.08 12.79 12.47
CA PRO A 29 -0.98 13.32 11.45
C PRO A 29 -1.40 12.26 10.43
N SER A 30 -2.64 12.32 9.99
CA SER A 30 -3.16 11.38 9.01
C SER A 30 -2.57 11.66 7.64
N PRO A 31 -2.56 10.65 6.75
CA PRO A 31 -2.01 10.80 5.40
C PRO A 31 -3.02 11.45 4.44
N LEU A 32 -3.80 10.64 3.72
CA LEU A 32 -4.79 11.17 2.79
C LEU A 32 -6.10 10.41 2.92
N PHE A 33 -6.66 10.41 4.13
CA PHE A 33 -7.91 9.73 4.41
C PHE A 33 -8.28 9.92 5.87
N PRO A 34 -8.63 11.16 6.27
CA PRO A 34 -8.99 11.48 7.65
C PRO A 34 -10.15 10.62 8.15
N GLY A 35 -9.94 10.04 9.32
CA GLY A 35 -10.94 9.20 9.92
C GLY A 35 -11.43 9.74 11.25
N PRO A 36 -12.42 10.64 11.25
CA PRO A 36 -12.97 11.23 12.48
C PRO A 36 -13.51 10.18 13.43
N SER A 37 -13.31 10.39 14.72
CA SER A 37 -13.78 9.46 15.74
C SER A 37 -15.31 9.38 15.73
N LYS A 38 -15.96 10.44 15.26
CA LYS A 38 -17.42 10.48 15.20
C LYS A 38 -17.94 9.54 14.11
N PRO A 39 -19.18 9.05 14.27
CA PRO A 39 -19.79 8.14 13.30
C PRO A 39 -20.13 8.84 11.99
N ILE A 1 -13.56 -10.83 6.80
CA ILE A 1 -14.31 -9.57 6.57
C ILE A 1 -14.25 -9.14 5.10
N GLU A 2 -15.24 -8.38 4.68
CA GLU A 2 -15.31 -7.92 3.30
C GLU A 2 -15.47 -6.40 3.24
N VAL A 3 -14.89 -5.78 2.22
CA VAL A 3 -14.97 -4.33 2.05
C VAL A 3 -15.85 -3.94 0.86
N MET A 4 -16.53 -4.93 0.27
CA MET A 4 -17.42 -4.70 -0.88
C MET A 4 -16.63 -4.54 -2.18
N TYR A 5 -15.65 -3.64 -2.17
CA TYR A 5 -14.83 -3.39 -3.35
C TYR A 5 -13.35 -3.41 -2.99
N PRO A 6 -12.47 -3.73 -3.97
CA PRO A 6 -11.02 -3.77 -3.74
C PRO A 6 -10.42 -2.38 -3.55
N PRO A 7 -9.25 -2.28 -2.90
CA PRO A 7 -8.57 -1.01 -2.66
C PRO A 7 -7.99 -0.42 -3.95
N PRO A 8 -7.79 0.91 -3.98
CA PRO A 8 -7.24 1.61 -5.14
C PRO A 8 -5.73 1.49 -5.22
N TYR A 9 -5.19 2.00 -6.31
CA TYR A 9 -3.76 1.98 -6.53
C TYR A 9 -3.04 2.45 -5.27
N LEU A 10 -1.79 2.01 -5.11
CA LEU A 10 -0.94 2.33 -3.97
C LEU A 10 -1.20 3.73 -3.44
N ASP A 11 -0.54 4.72 -4.02
CA ASP A 11 -0.70 6.09 -3.59
C ASP A 11 -0.28 6.26 -2.14
N ASN A 12 -1.20 6.01 -1.22
CA ASN A 12 -0.93 6.13 0.20
C ASN A 12 -1.30 4.86 0.93
N GLU A 13 -1.57 3.82 0.17
CA GLU A 13 -1.92 2.53 0.74
C GLU A 13 -0.76 2.04 1.57
N LYS A 14 0.45 2.31 1.08
CA LYS A 14 1.66 1.89 1.79
C LYS A 14 1.76 2.55 3.16
N SER A 15 1.17 3.74 3.30
CA SER A 15 1.22 4.45 4.57
C SER A 15 0.53 3.65 5.66
N ASN A 16 -0.59 3.03 5.31
CA ASN A 16 -1.34 2.21 6.25
C ASN A 16 -0.95 0.75 6.13
N GLY A 17 -0.38 0.20 7.20
CA GLY A 17 0.02 -1.18 7.19
C GLY A 17 1.50 -1.37 6.86
N THR A 18 2.10 -0.32 6.30
CA THR A 18 3.50 -0.33 5.92
C THR A 18 3.87 -1.63 5.21
N ILE A 19 3.52 -1.69 3.94
CA ILE A 19 3.80 -2.86 3.11
C ILE A 19 4.88 -2.56 2.09
N ILE A 20 5.90 -3.39 2.10
CA ILE A 20 7.03 -3.26 1.18
C ILE A 20 6.58 -3.39 -0.26
N HIS A 21 5.75 -4.40 -0.53
CA HIS A 21 5.25 -4.64 -1.88
C HIS A 21 3.93 -5.40 -1.85
N VAL A 22 3.22 -5.38 -2.98
CA VAL A 22 1.94 -6.07 -3.09
C VAL A 22 1.79 -6.72 -4.45
N LYS A 23 1.23 -7.94 -4.46
CA LYS A 23 1.03 -8.68 -5.69
C LYS A 23 2.34 -8.86 -6.45
N GLY A 24 2.64 -7.94 -7.37
CA GLY A 24 3.87 -8.02 -8.13
C GLY A 24 5.06 -7.46 -7.38
N LYS A 25 6.22 -7.47 -8.02
CA LYS A 25 7.43 -6.96 -7.40
C LYS A 25 7.65 -5.49 -7.78
N HIS A 26 7.98 -4.68 -6.79
CA HIS A 26 8.22 -3.25 -7.01
C HIS A 26 9.71 -2.92 -6.92
N LEU A 27 10.56 -3.94 -6.92
CA LEU A 27 12.00 -3.74 -6.84
C LEU A 27 12.65 -3.95 -8.20
N CYS A 28 13.54 -3.04 -8.58
CA CYS A 28 14.23 -3.13 -9.85
C CYS A 28 15.24 -4.27 -9.84
N PRO A 29 15.56 -4.82 -11.03
CA PRO A 29 16.52 -5.93 -11.15
C PRO A 29 17.95 -5.49 -10.88
N SER A 30 18.77 -6.43 -10.42
CA SER A 30 20.18 -6.14 -10.12
C SER A 30 20.96 -5.90 -11.41
N PRO A 31 22.06 -5.13 -11.33
CA PRO A 31 22.89 -4.82 -12.50
C PRO A 31 23.94 -5.90 -12.77
N LEU A 32 24.62 -6.31 -11.72
CA LEU A 32 25.66 -7.33 -11.84
C LEU A 32 25.69 -8.20 -10.59
N PHE A 33 25.59 -9.51 -10.77
CA PHE A 33 25.61 -10.44 -9.65
C PHE A 33 24.52 -10.09 -8.65
N PRO A 34 23.26 -10.46 -8.95
CA PRO A 34 22.11 -10.19 -8.10
C PRO A 34 22.26 -10.83 -6.73
N GLY A 35 21.76 -10.13 -5.73
CA GLY A 35 21.83 -10.62 -4.36
C GLY A 35 23.26 -10.70 -3.84
N PRO A 36 23.95 -9.54 -3.70
CA PRO A 36 25.33 -9.51 -3.21
C PRO A 36 25.48 -10.17 -1.85
N SER A 37 26.58 -10.89 -1.67
CA SER A 37 26.85 -11.59 -0.41
C SER A 37 27.11 -10.60 0.71
N LYS A 38 26.75 -10.98 1.93
CA LYS A 38 26.95 -10.12 3.09
C LYS A 38 28.45 -9.94 3.38
N PRO A 39 28.93 -8.68 3.52
CA PRO A 39 30.34 -8.41 3.79
C PRO A 39 30.88 -9.24 4.96
N ILE A 1 -5.50 -1.35 -18.08
CA ILE A 1 -6.64 -1.37 -19.03
C ILE A 1 -7.98 -1.30 -18.30
N GLU A 2 -7.94 -1.30 -16.98
CA GLU A 2 -9.15 -1.24 -16.17
C GLU A 2 -9.77 0.16 -16.23
N VAL A 3 -11.09 0.19 -16.22
CA VAL A 3 -11.82 1.46 -16.27
C VAL A 3 -11.50 2.23 -17.54
N MET A 4 -12.37 3.18 -17.88
CA MET A 4 -12.19 4.00 -19.08
C MET A 4 -10.92 4.83 -18.97
N TYR A 5 -10.64 5.33 -17.77
CA TYR A 5 -9.46 6.14 -17.52
C TYR A 5 -8.64 5.57 -16.36
N PRO A 6 -7.36 5.97 -16.25
CA PRO A 6 -6.47 5.50 -15.17
C PRO A 6 -7.03 5.83 -13.78
N PRO A 7 -6.69 5.02 -12.76
CA PRO A 7 -7.16 5.24 -11.39
C PRO A 7 -6.51 6.45 -10.74
N PRO A 8 -7.13 6.97 -9.66
CA PRO A 8 -6.64 8.13 -8.93
C PRO A 8 -5.51 7.77 -7.99
N TYR A 9 -4.92 8.79 -7.38
CA TYR A 9 -3.85 8.57 -6.45
C TYR A 9 -4.28 7.53 -5.42
N LEU A 10 -3.43 6.54 -5.20
CA LEU A 10 -3.72 5.48 -4.24
C LEU A 10 -2.47 5.04 -3.48
N ASP A 11 -1.35 5.73 -3.71
CA ASP A 11 -0.10 5.39 -3.05
C ASP A 11 -0.22 5.53 -1.53
N ASN A 12 -1.25 6.24 -1.07
CA ASN A 12 -1.45 6.43 0.36
C ASN A 12 -1.53 5.08 1.08
N GLU A 13 -1.93 4.05 0.34
CA GLU A 13 -2.04 2.71 0.91
C GLU A 13 -0.69 2.20 1.37
N LYS A 14 0.35 2.53 0.60
CA LYS A 14 1.70 2.12 0.92
C LYS A 14 2.32 3.06 1.95
N SER A 15 1.54 4.06 2.38
CA SER A 15 2.01 5.04 3.35
C SER A 15 3.00 5.99 2.72
N ASN A 16 2.75 6.33 1.45
CA ASN A 16 3.61 7.24 0.70
C ASN A 16 4.96 6.60 0.39
N GLY A 17 5.79 6.46 1.42
CA GLY A 17 7.10 5.85 1.25
C GLY A 17 8.23 6.78 1.65
N THR A 18 8.13 8.06 1.29
CA THR A 18 9.17 9.03 1.63
C THR A 18 8.93 10.37 0.93
N ILE A 19 8.76 10.33 -0.39
CA ILE A 19 8.54 11.55 -1.16
C ILE A 19 7.28 12.25 -0.70
N ILE A 20 6.20 11.47 -0.57
CA ILE A 20 4.92 12.00 -0.15
C ILE A 20 4.41 13.09 -1.08
N HIS A 21 3.11 13.07 -1.34
CA HIS A 21 2.48 14.05 -2.22
C HIS A 21 2.84 13.80 -3.69
N VAL A 22 4.09 14.05 -4.04
CA VAL A 22 4.56 13.85 -5.41
C VAL A 22 4.88 12.40 -5.69
N LYS A 23 4.28 11.86 -6.76
CA LYS A 23 4.51 10.48 -7.13
C LYS A 23 4.90 10.37 -8.61
N GLY A 24 5.71 9.36 -8.92
CA GLY A 24 6.16 9.17 -10.29
C GLY A 24 5.15 8.41 -11.12
N LYS A 25 5.52 8.10 -12.36
CA LYS A 25 4.63 7.37 -13.26
C LYS A 25 3.32 8.11 -13.46
N HIS A 26 3.41 9.42 -13.70
CA HIS A 26 2.22 10.23 -13.91
C HIS A 26 1.47 9.78 -15.15
N LEU A 27 2.21 9.42 -16.20
CA LEU A 27 1.62 8.97 -17.44
C LEU A 27 1.20 7.51 -17.34
N CYS A 28 0.07 7.18 -17.96
CA CYS A 28 -0.44 5.81 -17.95
C CYS A 28 -0.77 5.35 -19.37
N PRO A 29 -0.72 4.03 -19.61
CA PRO A 29 -1.02 3.46 -20.93
C PRO A 29 -2.50 3.54 -21.27
N SER A 30 -2.80 3.60 -22.57
CA SER A 30 -4.18 3.68 -23.03
C SER A 30 -4.91 2.36 -22.79
N PRO A 31 -6.25 2.40 -22.63
CA PRO A 31 -7.05 1.20 -22.40
C PRO A 31 -7.13 0.30 -23.64
N LEU A 32 -7.13 0.93 -24.81
CA LEU A 32 -7.21 0.21 -26.07
C LEU A 32 -6.40 0.91 -27.14
N PHE A 33 -5.10 0.64 -27.16
CA PHE A 33 -4.20 1.25 -28.14
C PHE A 33 -4.21 2.78 -28.00
N PRO A 34 -3.25 3.46 -28.63
CA PRO A 34 -3.15 4.92 -28.57
C PRO A 34 -4.38 5.60 -29.12
N GLY A 35 -4.80 6.66 -28.47
CA GLY A 35 -5.96 7.40 -28.89
C GLY A 35 -5.66 8.36 -30.04
N PRO A 36 -6.68 9.05 -30.55
CA PRO A 36 -6.52 10.01 -31.65
C PRO A 36 -5.53 11.12 -31.31
N SER A 37 -4.73 11.52 -32.30
CA SER A 37 -3.74 12.57 -32.11
C SER A 37 -4.41 13.90 -31.76
N LYS A 38 -5.67 14.05 -32.14
CA LYS A 38 -6.42 15.28 -31.86
C LYS A 38 -6.60 15.46 -30.35
N PRO A 39 -6.37 16.67 -29.81
CA PRO A 39 -6.52 16.93 -28.37
C PRO A 39 -7.85 16.42 -27.83
N ILE A 1 -19.84 -10.96 -0.78
CA ILE A 1 -19.09 -9.90 -1.50
C ILE A 1 -18.77 -10.33 -2.93
N GLU A 2 -18.60 -9.37 -3.82
CA GLU A 2 -18.27 -9.65 -5.22
C GLU A 2 -16.76 -9.77 -5.42
N VAL A 3 -15.97 -9.49 -4.39
CA VAL A 3 -14.52 -9.57 -4.49
C VAL A 3 -13.93 -10.35 -3.31
N MET A 4 -13.04 -11.29 -3.64
CA MET A 4 -12.39 -12.11 -2.62
C MET A 4 -10.90 -11.79 -2.48
N TYR A 5 -10.46 -10.68 -3.07
CA TYR A 5 -9.06 -10.28 -3.01
C TYR A 5 -8.92 -8.82 -2.62
N PRO A 6 -7.78 -8.43 -2.02
CA PRO A 6 -7.54 -7.04 -1.61
C PRO A 6 -7.35 -6.11 -2.80
N PRO A 7 -7.59 -4.80 -2.60
CA PRO A 7 -7.44 -3.80 -3.67
C PRO A 7 -5.98 -3.55 -4.03
N PRO A 8 -5.72 -3.03 -5.24
CA PRO A 8 -4.36 -2.75 -5.71
C PRO A 8 -3.72 -1.58 -4.99
N TYR A 9 -2.41 -1.50 -5.09
CA TYR A 9 -1.67 -0.42 -4.45
C TYR A 9 -2.23 0.94 -4.86
N LEU A 10 -2.50 1.79 -3.88
CA LEU A 10 -3.03 3.10 -4.16
C LEU A 10 -2.31 4.17 -3.33
N ASP A 11 -1.15 4.56 -3.85
CA ASP A 11 -0.28 5.57 -3.24
C ASP A 11 -0.27 5.55 -1.71
N ASN A 12 -1.20 6.28 -1.09
CA ASN A 12 -1.31 6.36 0.37
C ASN A 12 -1.48 5.00 1.04
N GLU A 13 -1.84 3.99 0.26
CA GLU A 13 -2.04 2.66 0.81
C GLU A 13 -0.74 2.17 1.45
N LYS A 14 0.37 2.44 0.75
CA LYS A 14 1.72 2.05 1.19
C LYS A 14 1.75 0.73 1.94
N SER A 15 1.58 0.80 3.26
CA SER A 15 1.58 -0.39 4.12
C SER A 15 0.24 -0.56 4.80
N ASN A 16 -0.71 -1.16 4.08
CA ASN A 16 -2.04 -1.40 4.61
C ASN A 16 -2.08 -2.67 5.45
N GLY A 17 -2.21 -2.50 6.77
CA GLY A 17 -2.26 -3.64 7.67
C GLY A 17 -0.89 -4.03 8.22
N THR A 18 0.15 -3.47 7.62
CA THR A 18 1.53 -3.75 8.04
C THR A 18 1.88 -5.23 7.90
N ILE A 19 1.48 -6.03 8.88
CA ILE A 19 1.76 -7.46 8.86
C ILE A 19 0.95 -8.16 7.79
N ILE A 20 1.64 -8.91 6.95
CA ILE A 20 1.00 -9.65 5.87
C ILE A 20 0.61 -11.05 6.32
N HIS A 21 1.55 -11.74 6.95
CA HIS A 21 1.30 -13.10 7.44
C HIS A 21 2.23 -13.44 8.60
N VAL A 22 1.73 -14.24 9.54
CA VAL A 22 2.52 -14.62 10.70
C VAL A 22 2.52 -16.13 10.90
N LYS A 23 3.50 -16.64 11.64
CA LYS A 23 3.61 -18.07 11.89
C LYS A 23 2.51 -18.54 12.82
N GLY A 24 2.02 -19.76 12.58
CA GLY A 24 0.96 -20.32 13.41
C GLY A 24 0.20 -21.40 12.68
N LYS A 25 -0.77 -21.00 11.87
CA LYS A 25 -1.59 -21.94 11.11
C LYS A 25 -2.02 -21.34 9.78
N HIS A 26 -2.36 -22.21 8.83
CA HIS A 26 -2.79 -21.76 7.51
C HIS A 26 -4.26 -22.06 7.27
N LEU A 27 -5.01 -22.29 8.35
CA LEU A 27 -6.44 -22.60 8.27
C LEU A 27 -6.71 -23.90 7.53
N CYS A 28 -6.65 -23.85 6.21
CA CYS A 28 -6.89 -25.03 5.38
C CYS A 28 -5.73 -25.25 4.41
N PRO A 29 -4.63 -25.86 4.88
CA PRO A 29 -3.45 -26.12 4.05
C PRO A 29 -3.79 -26.98 2.82
N SER A 30 -3.14 -26.66 1.70
CA SER A 30 -3.38 -27.39 0.46
C SER A 30 -2.80 -28.80 0.54
N PRO A 31 -3.38 -29.76 -0.20
CA PRO A 31 -2.91 -31.15 -0.21
C PRO A 31 -1.54 -31.29 -0.85
N LEU A 32 -1.25 -30.41 -1.81
CA LEU A 32 0.02 -30.41 -2.51
C LEU A 32 0.55 -28.99 -2.69
N PHE A 33 1.10 -28.44 -1.61
CA PHE A 33 1.63 -27.09 -1.64
C PHE A 33 0.48 -26.08 -1.76
N PRO A 34 0.54 -24.95 -1.03
CA PRO A 34 -0.51 -23.93 -1.07
C PRO A 34 -0.70 -23.35 -2.45
N GLY A 35 -1.95 -23.14 -2.80
CA GLY A 35 -2.30 -22.59 -4.10
C GLY A 35 -2.65 -21.11 -4.01
N PRO A 36 -3.85 -20.79 -3.51
CA PRO A 36 -4.30 -19.39 -3.38
C PRO A 36 -3.54 -18.63 -2.31
N SER A 37 -3.46 -17.32 -2.47
CA SER A 37 -2.76 -16.46 -1.51
C SER A 37 -3.42 -16.53 -0.14
N LYS A 38 -4.71 -16.87 -0.11
CA LYS A 38 -5.44 -16.97 1.14
C LYS A 38 -4.97 -18.17 1.97
N PRO A 39 -5.10 -18.10 3.30
CA PRO A 39 -4.67 -19.19 4.18
C PRO A 39 -5.18 -20.55 3.72
N ILE A 1 -17.13 -11.29 -7.33
CA ILE A 1 -16.38 -10.14 -6.76
C ILE A 1 -16.99 -8.81 -7.19
N GLU A 2 -16.64 -7.75 -6.47
CA GLU A 2 -17.15 -6.42 -6.78
C GLU A 2 -16.71 -5.97 -8.17
N VAL A 3 -15.46 -6.27 -8.52
CA VAL A 3 -14.91 -5.90 -9.81
C VAL A 3 -14.22 -7.09 -10.48
N MET A 4 -14.06 -7.00 -11.79
CA MET A 4 -13.41 -8.07 -12.55
C MET A 4 -11.94 -7.75 -12.84
N TYR A 5 -11.43 -6.68 -12.23
CA TYR A 5 -10.04 -6.29 -12.44
C TYR A 5 -9.33 -6.02 -11.12
N PRO A 6 -7.99 -6.05 -11.12
CA PRO A 6 -7.19 -5.80 -9.90
C PRO A 6 -7.47 -4.43 -9.29
N PRO A 7 -7.31 -4.27 -7.96
CA PRO A 7 -7.56 -2.99 -7.28
C PRO A 7 -6.71 -1.86 -7.87
N PRO A 8 -7.21 -0.61 -7.84
CA PRO A 8 -6.47 0.54 -8.37
C PRO A 8 -5.27 0.92 -7.52
N TYR A 9 -4.35 1.67 -8.13
CA TYR A 9 -3.15 2.10 -7.45
C TYR A 9 -3.51 3.04 -6.30
N LEU A 10 -2.89 2.84 -5.16
CA LEU A 10 -3.13 3.67 -3.99
C LEU A 10 -1.83 3.93 -3.23
N ASP A 11 -1.16 5.00 -3.61
CA ASP A 11 0.09 5.40 -2.97
C ASP A 11 -0.11 5.61 -1.48
N ASN A 12 -1.27 6.12 -1.13
CA ASN A 12 -1.61 6.39 0.27
C ASN A 12 -1.57 5.09 1.07
N GLU A 13 -2.05 4.01 0.46
CA GLU A 13 -2.08 2.73 1.13
C GLU A 13 -0.66 2.31 1.51
N LYS A 14 0.26 2.47 0.55
CA LYS A 14 1.69 2.14 0.72
C LYS A 14 1.91 0.96 1.68
N SER A 15 2.06 1.28 2.96
CA SER A 15 2.28 0.27 3.99
C SER A 15 1.70 0.70 5.33
N ASN A 16 0.76 1.64 5.31
CA ASN A 16 0.14 2.13 6.53
C ASN A 16 -0.63 1.02 7.24
N GLY A 17 -1.12 0.06 6.46
CA GLY A 17 -1.87 -1.05 7.04
C GLY A 17 -3.36 -0.78 7.12
N THR A 18 -3.74 0.47 6.91
CA THR A 18 -5.14 0.87 6.96
C THR A 18 -5.84 0.31 8.18
N ILE A 19 -5.55 0.91 9.32
CA ILE A 19 -6.14 0.49 10.58
C ILE A 19 -7.44 1.24 10.84
N ILE A 20 -8.50 0.49 11.10
CA ILE A 20 -9.81 1.08 11.37
C ILE A 20 -10.32 0.73 12.76
N HIS A 21 -10.73 1.75 13.49
CA HIS A 21 -11.24 1.56 14.85
C HIS A 21 -12.23 2.65 15.21
N VAL A 22 -13.18 2.91 14.31
CA VAL A 22 -14.20 3.93 14.53
C VAL A 22 -15.54 3.50 13.97
N LYS A 23 -16.61 3.81 14.70
CA LYS A 23 -17.97 3.46 14.27
C LYS A 23 -18.07 1.95 14.00
N GLY A 24 -19.24 1.52 13.53
CA GLY A 24 -19.45 0.12 13.24
C GLY A 24 -19.08 -0.25 11.82
N LYS A 25 -19.26 -1.53 11.49
CA LYS A 25 -18.94 -2.04 10.16
C LYS A 25 -19.81 -1.39 9.09
N HIS A 26 -21.08 -1.15 9.43
CA HIS A 26 -22.01 -0.53 8.50
C HIS A 26 -21.56 0.87 8.10
N LEU A 27 -21.02 1.61 9.06
CA LEU A 27 -20.55 2.96 8.79
C LEU A 27 -19.04 2.97 8.55
N CYS A 28 -18.63 3.56 7.45
CA CYS A 28 -17.21 3.64 7.09
C CYS A 28 -16.48 4.64 7.99
N PRO A 29 -15.17 4.43 8.21
CA PRO A 29 -14.36 5.32 9.04
C PRO A 29 -14.08 6.66 8.35
N SER A 30 -13.86 7.70 9.15
CA SER A 30 -13.58 9.02 8.61
C SER A 30 -14.72 9.51 7.72
N PRO A 31 -14.66 10.77 7.28
CA PRO A 31 -15.69 11.35 6.41
C PRO A 31 -15.66 10.72 5.04
N LEU A 32 -16.17 11.44 4.04
CA LEU A 32 -16.20 10.92 2.68
C LEU A 32 -14.96 11.35 1.89
N PHE A 33 -13.79 10.96 2.39
CA PHE A 33 -12.53 11.28 1.76
C PHE A 33 -11.37 10.63 2.54
N PRO A 34 -10.26 10.33 1.89
CA PRO A 34 -9.09 9.71 2.54
C PRO A 34 -8.49 10.61 3.60
N GLY A 35 -8.13 10.00 4.71
CA GLY A 35 -7.54 10.73 5.82
C GLY A 35 -6.47 9.93 6.55
N PRO A 36 -5.69 10.58 7.42
CA PRO A 36 -4.64 9.92 8.19
C PRO A 36 -5.15 8.76 9.04
N SER A 37 -4.34 7.71 9.17
CA SER A 37 -4.72 6.55 9.95
C SER A 37 -3.52 6.01 10.72
N LYS A 38 -3.76 5.60 11.97
CA LYS A 38 -2.70 5.07 12.81
C LYS A 38 -3.11 3.74 13.43
N PRO A 39 -2.14 2.87 13.76
CA PRO A 39 -2.41 1.56 14.36
C PRO A 39 -2.86 1.67 15.81
N ILE A 1 -26.69 0.95 -7.54
CA ILE A 1 -25.24 0.90 -7.22
C ILE A 1 -24.62 2.29 -7.27
N GLU A 2 -23.46 2.44 -6.63
CA GLU A 2 -22.77 3.72 -6.61
C GLU A 2 -21.31 3.56 -7.04
N VAL A 3 -20.78 4.58 -7.70
CA VAL A 3 -19.40 4.56 -8.17
C VAL A 3 -19.11 3.29 -8.95
N MET A 4 -19.71 3.17 -10.13
CA MET A 4 -19.51 1.99 -10.97
C MET A 4 -18.05 1.85 -11.36
N TYR A 5 -17.45 2.96 -11.78
CA TYR A 5 -16.05 2.99 -12.19
C TYR A 5 -15.13 2.75 -10.99
N PRO A 6 -13.90 2.26 -11.24
CA PRO A 6 -12.93 1.99 -10.18
C PRO A 6 -12.39 3.28 -9.55
N PRO A 7 -11.88 3.19 -8.31
CA PRO A 7 -11.34 4.35 -7.59
C PRO A 7 -10.01 4.82 -8.17
N PRO A 8 -9.63 6.09 -7.93
CA PRO A 8 -8.37 6.65 -8.44
C PRO A 8 -7.15 6.09 -7.72
N TYR A 9 -6.00 6.30 -8.32
CA TYR A 9 -4.75 5.82 -7.75
C TYR A 9 -4.58 6.37 -6.34
N LEU A 10 -4.14 5.52 -5.43
CA LEU A 10 -3.92 5.91 -4.05
C LEU A 10 -2.66 5.28 -3.49
N ASP A 11 -1.55 5.98 -3.68
CA ASP A 11 -0.26 5.51 -3.18
C ASP A 11 -0.21 5.57 -1.66
N ASN A 12 -1.20 6.21 -1.05
CA ASN A 12 -1.27 6.34 0.40
C ASN A 12 -1.43 4.98 1.05
N GLU A 13 -1.87 4.00 0.28
CA GLU A 13 -2.05 2.65 0.79
C GLU A 13 -0.73 2.14 1.36
N LYS A 14 0.36 2.55 0.71
CA LYS A 14 1.68 2.14 1.13
C LYS A 14 1.78 0.62 1.15
N SER A 15 1.00 0.01 0.29
CA SER A 15 0.95 -1.44 0.17
C SER A 15 0.79 -2.10 1.53
N ASN A 16 0.02 -1.46 2.40
CA ASN A 16 -0.22 -2.00 3.74
C ASN A 16 -1.65 -2.48 3.89
N GLY A 17 -1.82 -3.78 4.14
CA GLY A 17 -3.15 -4.34 4.30
C GLY A 17 -3.75 -4.81 2.99
N THR A 18 -3.12 -4.45 1.88
CA THR A 18 -3.60 -4.84 0.57
C THR A 18 -3.60 -6.36 0.40
N ILE A 19 -2.53 -7.00 0.83
CA ILE A 19 -2.41 -8.44 0.72
C ILE A 19 -3.63 -9.11 1.35
N ILE A 20 -4.34 -9.87 0.53
CA ILE A 20 -5.53 -10.58 0.96
C ILE A 20 -5.18 -11.70 1.94
N HIS A 21 -4.12 -12.43 1.62
CA HIS A 21 -3.68 -13.54 2.46
C HIS A 21 -2.18 -13.79 2.30
N VAL A 22 -1.53 -14.20 3.39
CA VAL A 22 -0.10 -14.48 3.36
C VAL A 22 0.19 -15.94 3.67
N LYS A 23 0.97 -16.57 2.79
CA LYS A 23 1.32 -17.97 2.96
C LYS A 23 2.12 -18.19 4.24
N GLY A 24 2.92 -17.19 4.60
CA GLY A 24 3.73 -17.27 5.80
C GLY A 24 5.12 -17.79 5.52
N LYS A 25 6.05 -17.46 6.40
CA LYS A 25 7.44 -17.88 6.26
C LYS A 25 7.57 -19.40 6.34
N HIS A 26 6.80 -20.02 7.22
CA HIS A 26 6.83 -21.47 7.39
C HIS A 26 6.40 -22.19 6.12
N LEU A 27 5.62 -21.51 5.29
CA LEU A 27 5.15 -22.10 4.03
C LEU A 27 5.90 -21.51 2.84
N CYS A 28 6.53 -22.38 2.06
CA CYS A 28 7.28 -21.94 0.90
C CYS A 28 6.91 -22.77 -0.34
N PRO A 29 7.04 -22.21 -1.55
CA PRO A 29 6.71 -22.91 -2.79
C PRO A 29 7.71 -24.02 -3.11
N SER A 30 7.25 -25.04 -3.83
CA SER A 30 8.09 -26.16 -4.20
C SER A 30 8.82 -26.72 -2.98
N PRO A 31 8.07 -27.13 -1.95
CA PRO A 31 8.66 -27.69 -0.73
C PRO A 31 9.27 -29.07 -0.92
N LEU A 32 8.49 -30.00 -1.48
CA LEU A 32 8.97 -31.36 -1.72
C LEU A 32 8.40 -31.92 -3.02
N PHE A 33 9.14 -31.72 -4.10
CA PHE A 33 8.71 -32.22 -5.41
C PHE A 33 7.28 -31.80 -5.72
N PRO A 34 7.04 -30.50 -5.96
CA PRO A 34 5.71 -29.97 -6.26
C PRO A 34 5.09 -30.60 -7.49
N GLY A 35 3.79 -30.73 -7.46
CA GLY A 35 3.05 -31.31 -8.57
C GLY A 35 2.08 -30.32 -9.20
N PRO A 36 2.54 -29.52 -10.17
CA PRO A 36 1.69 -28.53 -10.86
C PRO A 36 0.48 -29.19 -11.53
N SER A 37 -0.66 -28.51 -11.48
CA SER A 37 -1.88 -29.02 -12.09
C SER A 37 -2.47 -27.99 -13.06
N LYS A 38 -3.11 -28.50 -14.11
CA LYS A 38 -3.72 -27.63 -15.11
C LYS A 38 -4.98 -26.95 -14.55
N PRO A 39 -5.37 -25.80 -15.13
CA PRO A 39 -6.55 -25.06 -14.67
C PRO A 39 -7.78 -25.96 -14.55
#